data_4NHU
#
_entry.id   4NHU
#
_cell.length_a   49.760
_cell.length_b   92.800
_cell.length_c   94.950
_cell.angle_alpha   112.29
_cell.angle_beta   103.57
_cell.angle_gamma   102.37
#
_symmetry.space_group_name_H-M   'P 1'
#
loop_
_entity.id
_entity.type
_entity.pdbx_description
1 polymer '2C m33 alpha VmCh chimera'
2 polymer '2C m33 beta VmCh chimera'
3 polymer 'H-2 class I histocompatibility antigen, L-D alpha chain'
#
loop_
_entity_poly.entity_id
_entity_poly.type
_entity_poly.pdbx_seq_one_letter_code
_entity_poly.pdbx_strand_id
1 'polypeptide(L)'
;ADPGQSVTQPDARVTVSEGASLQLRCKYSYSATPYLFWYVQYPRQGLQLLLKYYSGDPVVQGVNGFEAEFSKSNSSFHLR
KASVHWSDSAVYFCAVSLHRPALTFGSGTKVIVLPNIQNPDPAVYQLRDSKSSDKSVCLFTDFDSQTNVSQSKDSDVYIT
DKCVLDMRSMDFKSNSAVAWSNKSDFACANAFNNSIIPEDTFFPSPESSSRGGLEVLFQ
;
A,C
2 'polypeptide(L)'
;ADPGEAAVTQSPRNKVAVTGGKVTLSCNQTNNHNNMYWYRQDTGHGLRLIHYSYGAGSTEKGDIPDGYKASRPSQENFSL
ILELATPSQTSVYFCASGGGGTLYFGAGTRLSVLEDLKNVFPPEVAVFEPSEAEISHTQKATLVCLATGFYPDHVELSWW
VNGKEVHSGVCTDPQPLKEQPALNDSRYALSSRLRVSATFWQNPRNHFRCQVQFYGLSENDEWTQDRAKPVTQIVSAEAW
GRADSRGGLEVLFQ
;
B,D
3 'polypeptide(L)'
;MGPHSMRYFETAVSRPGLGEPRYISVGYVDDKEFVRFDSDAENPRYEPQVPWMEQEGPEYWERITQVAKGQEQWFRVNLR
TLLGYYNQSAGGTHTLQRMYGCDVGSDGRLLRGYEQFAYDGCDYIALNEDLRTWTAADMAAQITRRKWEQAGAAEYYRAY
LEGECVEALHRYLKNGNATLLGSLVPRGSGGGGGGAPWNPAMMI
;
E,G
#
# COMPACT_ATOMS: atom_id res chain seq x y z
N SER A 6 -11.82 9.58 11.15
CA SER A 6 -12.09 8.28 11.76
C SER A 6 -10.96 7.29 11.53
N VAL A 7 -10.76 6.39 12.49
CA VAL A 7 -9.69 5.38 12.42
C VAL A 7 -10.25 4.01 12.81
N THR A 8 -9.86 2.98 12.06
CA THR A 8 -10.37 1.63 12.28
C THR A 8 -9.27 0.57 12.31
N GLN A 9 -9.26 -0.23 13.37
CA GLN A 9 -8.44 -1.43 13.43
C GLN A 9 -9.37 -2.62 13.35
N PRO A 10 -9.65 -3.10 12.13
CA PRO A 10 -10.67 -4.10 11.84
C PRO A 10 -10.44 -5.42 12.57
N ASP A 11 -9.19 -5.72 12.90
CA ASP A 11 -8.87 -6.92 13.66
C ASP A 11 -8.69 -6.57 15.13
N ALA A 12 -9.59 -7.07 15.97
CA ALA A 12 -9.51 -6.84 17.41
C ALA A 12 -8.50 -7.79 18.05
N ARG A 13 -8.34 -8.96 17.45
CA ARG A 13 -7.44 -9.98 17.98
C ARG A 13 -6.64 -10.70 16.90
N VAL A 14 -5.39 -11.00 17.20
CA VAL A 14 -4.51 -11.72 16.29
C VAL A 14 -3.74 -12.80 17.03
N THR A 15 -3.92 -14.04 16.62
CA THR A 15 -3.21 -15.17 17.22
C THR A 15 -2.26 -15.78 16.19
N VAL A 16 -0.96 -15.69 16.45
CA VAL A 16 0.04 -16.15 15.49
C VAL A 16 1.05 -17.10 16.10
N SER A 17 1.57 -18.00 15.28
CA SER A 17 2.65 -18.89 15.69
C SER A 17 3.96 -18.12 15.73
N GLU A 18 4.84 -18.48 16.65
CA GLU A 18 6.09 -17.75 16.85
C GLU A 18 7.02 -17.85 15.65
N GLY A 19 7.72 -16.77 15.35
CA GLY A 19 8.68 -16.74 14.26
C GLY A 19 8.04 -16.35 12.94
N ALA A 20 6.72 -16.37 12.89
CA ALA A 20 5.99 -16.04 11.67
C ALA A 20 5.90 -14.53 11.45
N SER A 21 5.12 -14.13 10.46
CA SER A 21 4.97 -12.71 10.12
C SER A 21 3.76 -12.12 10.83
N LEU A 22 3.85 -10.82 11.15
CA LEU A 22 2.77 -10.12 11.82
C LEU A 22 2.33 -8.90 11.04
N GLN A 23 1.03 -8.79 10.78
CA GLN A 23 0.49 -7.64 10.07
C GLN A 23 -0.67 -7.02 10.82
N LEU A 24 -0.43 -5.88 11.45
CA LEU A 24 -1.47 -5.15 12.14
C LEU A 24 -2.09 -4.11 11.22
N ARG A 25 -3.42 -4.14 11.11
CA ARG A 25 -4.11 -3.35 10.11
C ARG A 25 -4.73 -2.06 10.68
N CYS A 26 -4.53 -0.97 9.95
CA CYS A 26 -5.04 0.33 10.36
C CYS A 26 -5.43 1.19 9.16
N LYS A 27 -6.72 1.49 9.05
CA LYS A 27 -7.22 2.37 7.99
C LYS A 27 -7.78 3.65 8.60
N TYR A 28 -7.65 4.76 7.88
CA TYR A 28 -8.16 6.04 8.37
C TYR A 28 -9.17 6.63 7.38
N SER A 29 -10.18 7.32 7.90
CA SER A 29 -11.18 7.96 7.07
C SER A 29 -10.92 9.46 6.95
N TYR A 30 -9.95 9.82 6.12
CA TYR A 30 -9.63 11.22 5.87
C TYR A 30 -9.35 11.48 4.39
N SER A 31 -9.64 12.70 3.95
CA SER A 31 -9.45 13.08 2.56
C SER A 31 -8.00 13.46 2.28
N ALA A 32 -7.20 13.57 3.34
CA ALA A 32 -5.80 13.95 3.19
C ALA A 32 -4.91 13.20 4.18
N THR A 33 -3.60 13.32 4.00
CA THR A 33 -2.63 12.64 4.84
C THR A 33 -2.65 13.19 6.26
N PRO A 34 -2.99 12.34 7.25
CA PRO A 34 -3.03 12.77 8.64
C PRO A 34 -1.77 12.38 9.39
N TYR A 35 -1.58 12.91 10.59
CA TYR A 35 -0.47 12.53 11.44
C TYR A 35 -0.76 11.15 12.02
N LEU A 36 0.06 10.17 11.66
CA LEU A 36 -0.19 8.78 12.06
C LEU A 36 0.79 8.30 13.15
N PHE A 37 0.29 7.47 14.06
CA PHE A 37 1.10 6.96 15.15
C PHE A 37 0.82 5.48 15.40
N TRP A 38 1.83 4.77 15.89
CA TRP A 38 1.65 3.40 16.37
C TRP A 38 2.16 3.28 17.80
N TYR A 39 1.23 3.06 18.74
CA TYR A 39 1.60 2.85 20.13
C TYR A 39 1.44 1.39 20.51
N VAL A 40 2.30 0.92 21.42
CA VAL A 40 2.21 -0.45 21.93
C VAL A 40 1.94 -0.43 23.44
N GLN A 41 1.04 -1.29 23.89
CA GLN A 41 0.75 -1.41 25.30
C GLN A 41 1.03 -2.82 25.79
N TYR A 42 2.25 -3.04 26.26
CA TYR A 42 2.62 -4.32 26.85
C TYR A 42 1.77 -4.55 28.11
N PRO A 43 1.53 -5.82 28.46
CA PRO A 43 0.66 -6.17 29.59
C PRO A 43 0.97 -5.42 30.88
N ARG A 44 -0.03 -4.70 31.39
CA ARG A 44 0.11 -3.89 32.60
C ARG A 44 1.22 -2.85 32.49
N GLN A 45 1.18 -2.08 31.41
CA GLN A 45 2.15 -1.01 31.18
C GLN A 45 1.47 0.20 30.53
N GLY A 46 2.17 1.32 30.50
CA GLY A 46 1.66 2.52 29.87
C GLY A 46 1.81 2.43 28.36
N LEU A 47 1.57 3.54 27.67
CA LEU A 47 1.68 3.58 26.22
C LEU A 47 3.07 4.02 25.78
N GLN A 48 3.66 3.25 24.87
CA GLN A 48 4.98 3.56 24.33
C GLN A 48 4.90 3.72 22.81
N LEU A 49 5.54 4.77 22.31
CA LEU A 49 5.54 5.06 20.88
C LEU A 49 6.47 4.13 20.11
N LEU A 50 5.95 3.53 19.05
CA LEU A 50 6.76 2.68 18.18
C LEU A 50 7.34 3.51 17.04
N LEU A 51 6.45 4.17 16.29
CA LEU A 51 6.85 5.01 15.17
C LEU A 51 5.74 6.00 14.81
N LYS A 52 6.03 6.87 13.85
CA LYS A 52 5.05 7.84 13.38
C LYS A 52 5.36 8.34 11.97
N TYR A 53 4.39 8.99 11.34
CA TYR A 53 4.56 9.48 9.98
C TYR A 53 3.65 10.66 9.67
N TYR A 54 4.19 11.64 8.95
CA TYR A 54 3.39 12.74 8.42
C TYR A 54 3.84 13.14 7.02
N SER A 55 5.10 12.84 6.70
CA SER A 55 5.64 13.12 5.37
C SER A 55 6.93 12.33 5.13
N GLY A 56 7.40 12.37 3.89
CA GLY A 56 8.64 11.72 3.52
C GLY A 56 8.49 10.25 3.17
N ASP A 57 9.44 9.45 3.62
CA ASP A 57 9.44 8.00 3.36
C ASP A 57 8.20 7.36 3.97
N PRO A 58 7.33 6.82 3.11
CA PRO A 58 6.10 6.15 3.55
C PRO A 58 6.41 4.91 4.39
N VAL A 59 7.57 4.30 4.16
CA VAL A 59 8.03 3.19 4.99
C VAL A 59 8.83 3.73 6.18
N VAL A 60 8.33 3.48 7.39
CA VAL A 60 8.98 3.98 8.60
C VAL A 60 9.46 2.83 9.49
N GLN A 61 10.73 2.87 9.87
CA GLN A 61 11.31 1.86 10.74
C GLN A 61 11.06 2.21 12.21
N GLY A 62 10.95 1.19 13.05
CA GLY A 62 10.72 1.39 14.47
C GLY A 62 11.50 0.39 15.30
N VAL A 63 11.43 0.53 16.61
CA VAL A 63 12.13 -0.38 17.51
C VAL A 63 11.54 -1.78 17.45
N ASN A 64 12.30 -2.74 17.95
CA ASN A 64 11.87 -4.15 18.02
C ASN A 64 11.54 -4.76 16.66
N GLY A 65 12.21 -4.28 15.61
CA GLY A 65 12.05 -4.84 14.28
C GLY A 65 10.69 -4.60 13.66
N PHE A 66 10.02 -3.54 14.08
CA PHE A 66 8.73 -3.17 13.51
C PHE A 66 8.88 -2.09 12.44
N GLU A 67 8.27 -2.32 11.29
CA GLU A 67 8.21 -1.29 10.26
C GLU A 67 6.77 -1.09 9.79
N ALA A 68 6.41 0.17 9.54
CA ALA A 68 5.08 0.49 9.06
C ALA A 68 5.13 1.15 7.70
N GLU A 69 4.23 0.75 6.81
CA GLU A 69 4.17 1.31 5.47
C GLU A 69 2.90 2.13 5.29
N PHE A 70 3.05 3.37 4.83
CA PHE A 70 1.90 4.21 4.54
C PHE A 70 1.53 4.14 3.07
N SER A 71 0.22 4.05 2.80
CA SER A 71 -0.27 4.03 1.43
C SER A 71 -1.43 5.00 1.29
N LYS A 72 -1.17 6.15 0.67
CA LYS A 72 -2.19 7.17 0.47
C LYS A 72 -3.34 6.63 -0.38
N SER A 73 -3.00 5.76 -1.32
CA SER A 73 -4.00 5.13 -2.17
C SER A 73 -4.90 4.20 -1.35
N ASN A 74 -4.29 3.30 -0.60
CA ASN A 74 -5.05 2.39 0.25
C ASN A 74 -5.61 3.08 1.50
N SER A 75 -5.12 4.29 1.77
CA SER A 75 -5.48 5.05 2.97
C SER A 75 -5.25 4.23 4.22
N SER A 76 -4.10 3.58 4.29
CA SER A 76 -3.77 2.68 5.40
C SER A 76 -2.38 2.92 5.96
N PHE A 77 -2.17 2.48 7.20
CA PHE A 77 -0.88 2.60 7.86
C PHE A 77 -0.54 1.29 8.55
N HIS A 78 -0.47 0.23 7.75
CA HIS A 78 -0.23 -1.12 8.27
C HIS A 78 1.11 -1.25 8.98
N LEU A 79 1.10 -2.02 10.07
CA LEU A 79 2.31 -2.28 10.86
C LEU A 79 2.75 -3.73 10.65
N ARG A 80 3.97 -3.92 10.16
CA ARG A 80 4.44 -5.25 9.78
C ARG A 80 5.70 -5.68 10.53
N LYS A 81 5.88 -6.99 10.67
CA LYS A 81 7.09 -7.56 11.25
C LYS A 81 7.35 -8.95 10.68
N ALA A 82 8.55 -9.15 10.14
CA ALA A 82 8.89 -10.39 9.45
C ALA A 82 8.90 -11.60 10.38
N SER A 83 9.67 -11.53 11.45
CA SER A 83 9.76 -12.61 12.42
C SER A 83 9.39 -12.12 13.81
N VAL A 84 8.19 -12.50 14.27
CA VAL A 84 7.68 -12.05 15.56
C VAL A 84 8.14 -12.94 16.73
N HIS A 85 8.60 -12.29 17.80
CA HIS A 85 9.02 -12.99 19.00
C HIS A 85 7.85 -13.12 19.97
N TRP A 86 7.99 -14.01 20.95
CA TRP A 86 6.93 -14.24 21.94
C TRP A 86 6.73 -13.02 22.83
N SER A 87 7.78 -12.23 22.98
CA SER A 87 7.75 -11.04 23.82
C SER A 87 6.88 -9.94 23.23
N ASP A 88 6.57 -10.05 21.94
CA ASP A 88 5.78 -9.04 21.25
C ASP A 88 4.29 -9.16 21.58
N SER A 89 3.92 -10.16 22.34
CA SER A 89 2.53 -10.36 22.75
C SER A 89 2.03 -9.17 23.56
N ALA A 90 1.27 -8.30 22.90
CA ALA A 90 0.72 -7.11 23.54
C ALA A 90 -0.46 -6.55 22.76
N VAL A 91 -0.83 -5.31 23.07
CA VAL A 91 -1.90 -4.62 22.37
C VAL A 91 -1.35 -3.39 21.64
N TYR A 92 -1.66 -3.27 20.36
CA TYR A 92 -1.12 -2.20 19.54
C TYR A 92 -2.22 -1.20 19.13
N PHE A 93 -1.93 0.09 19.31
CA PHE A 93 -2.89 1.14 19.00
C PHE A 93 -2.44 2.02 17.86
N CYS A 94 -3.38 2.31 16.95
CA CYS A 94 -3.12 3.24 15.85
C CYS A 94 -3.83 4.57 16.10
N ALA A 95 -3.04 5.63 16.21
CA ALA A 95 -3.59 6.96 16.49
C ALA A 95 -3.55 7.87 15.27
N VAL A 96 -4.30 8.98 15.33
CA VAL A 96 -4.41 9.88 14.19
C VAL A 96 -4.71 11.32 14.62
N SER A 97 -4.06 12.27 13.95
CA SER A 97 -4.29 13.69 14.19
C SER A 97 -4.28 14.46 12.88
N LEU A 98 -5.29 15.29 12.67
CA LEU A 98 -5.39 16.08 11.44
C LEU A 98 -6.12 17.40 11.64
N HIS A 99 -7.38 17.32 12.07
CA HIS A 99 -8.18 18.52 12.28
C HIS A 99 -7.82 19.22 13.59
N ARG A 100 -7.33 18.43 14.55
CA ARG A 100 -7.02 18.95 15.88
C ARG A 100 -5.66 18.45 16.35
N PRO A 101 -5.00 19.22 17.23
CA PRO A 101 -3.73 18.79 17.81
C PRO A 101 -3.90 17.76 18.92
N ALA A 102 -4.81 16.80 18.70
CA ALA A 102 -5.06 15.73 19.66
C ALA A 102 -5.19 14.41 18.93
N LEU A 103 -4.84 13.32 19.59
CA LEU A 103 -4.79 12.03 18.92
C LEU A 103 -6.06 11.21 19.12
N THR A 104 -6.68 10.83 18.01
CA THR A 104 -7.82 9.94 18.02
C THR A 104 -7.33 8.51 17.82
N PHE A 105 -7.76 7.60 18.69
CA PHE A 105 -7.24 6.24 18.68
C PHE A 105 -8.16 5.21 18.02
N GLY A 106 -7.57 4.14 17.53
CA GLY A 106 -8.32 3.00 17.04
C GLY A 106 -8.78 2.16 18.20
N SER A 107 -9.48 1.06 17.92
CA SER A 107 -10.02 0.21 18.97
C SER A 107 -8.97 -0.75 19.53
N GLY A 108 -7.78 -0.72 18.95
CA GLY A 108 -6.67 -1.53 19.41
C GLY A 108 -6.72 -2.97 18.95
N THR A 109 -5.57 -3.62 18.91
CA THR A 109 -5.48 -5.02 18.53
C THR A 109 -4.53 -5.79 19.45
N LYS A 110 -5.09 -6.77 20.17
CA LYS A 110 -4.29 -7.64 21.03
C LYS A 110 -3.67 -8.76 20.21
N VAL A 111 -2.34 -8.87 20.27
CA VAL A 111 -1.65 -9.96 19.59
C VAL A 111 -1.24 -11.05 20.57
N ILE A 112 -1.39 -12.30 20.16
CA ILE A 112 -1.06 -13.44 21.02
C ILE A 112 -0.12 -14.40 20.32
N VAL A 113 1.17 -14.21 20.55
CA VAL A 113 2.18 -15.08 19.96
C VAL A 113 2.17 -16.44 20.65
N LEU A 114 1.98 -17.49 19.86
CA LEU A 114 1.99 -18.85 20.39
C LEU A 114 3.36 -19.46 20.18
N PRO A 115 4.02 -19.86 21.28
CA PRO A 115 5.40 -20.34 21.29
C PRO A 115 5.59 -21.65 20.53
N ASN A 116 6.73 -21.76 19.86
CA ASN A 116 7.12 -23.00 19.22
C ASN A 116 7.41 -24.07 20.28
N ILE A 117 6.37 -24.83 20.64
CA ILE A 117 6.50 -25.82 21.69
C ILE A 117 7.41 -26.98 21.26
N GLN A 118 8.50 -27.16 22.01
CA GLN A 118 9.54 -28.12 21.66
C GLN A 118 9.03 -29.56 21.68
N ASN A 119 8.77 -30.07 22.88
CA ASN A 119 8.25 -31.43 23.03
C ASN A 119 7.02 -31.48 23.91
N PRO A 120 5.83 -31.53 23.28
CA PRO A 120 4.57 -31.61 24.01
C PRO A 120 4.47 -32.92 24.80
N ASP A 121 4.37 -32.79 26.12
CA ASP A 121 4.24 -33.96 26.99
C ASP A 121 2.96 -33.84 27.83
N PRO A 122 1.80 -33.95 27.17
CA PRO A 122 0.49 -33.68 27.80
C PRO A 122 0.28 -34.47 29.09
N ALA A 123 -0.02 -33.77 30.17
CA ALA A 123 -0.23 -34.39 31.46
C ALA A 123 -1.09 -33.51 32.37
N VAL A 124 -1.83 -34.16 33.26
CA VAL A 124 -2.67 -33.44 34.22
C VAL A 124 -2.32 -33.86 35.64
N TYR A 125 -1.66 -32.96 36.37
CA TYR A 125 -1.23 -33.25 37.73
C TYR A 125 -2.17 -32.63 38.77
N GLN A 126 -1.90 -32.92 40.04
CA GLN A 126 -2.70 -32.36 41.13
C GLN A 126 -1.79 -31.82 42.24
N LEU A 127 -2.06 -30.59 42.67
CA LEU A 127 -1.24 -29.94 43.67
C LEU A 127 -2.01 -29.73 44.96
N ARG A 128 -1.32 -29.89 46.10
CA ARG A 128 -1.95 -29.69 47.40
C ARG A 128 -1.48 -28.38 48.04
N ASP A 129 -2.32 -27.83 48.91
CA ASP A 129 -2.01 -26.58 49.60
C ASP A 129 -0.75 -26.74 50.46
N SER A 130 0.02 -25.67 50.57
CA SER A 130 1.22 -25.67 51.40
C SER A 130 0.85 -25.54 52.88
N LYS A 131 -0.30 -24.92 53.13
CA LYS A 131 -0.79 -24.73 54.48
C LYS A 131 -1.73 -25.87 54.87
N SER A 132 -2.80 -26.03 54.09
CA SER A 132 -3.76 -27.10 54.32
C SER A 132 -3.38 -28.35 53.53
N SER A 133 -4.35 -29.24 53.31
CA SER A 133 -4.10 -30.48 52.58
C SER A 133 -5.31 -30.89 51.73
N ASP A 134 -6.48 -30.89 52.35
CA ASP A 134 -7.71 -31.35 51.71
C ASP A 134 -8.02 -30.58 50.43
N LYS A 135 -7.79 -29.27 50.43
CA LYS A 135 -7.99 -28.46 49.25
C LYS A 135 -6.87 -28.69 48.25
N SER A 136 -7.23 -28.85 46.98
CA SER A 136 -6.24 -29.10 45.95
C SER A 136 -6.59 -28.40 44.64
N VAL A 137 -5.61 -28.34 43.74
CA VAL A 137 -5.81 -27.80 42.40
C VAL A 137 -5.18 -28.74 41.38
N CYS A 138 -5.84 -28.89 40.23
CA CYS A 138 -5.29 -29.72 39.16
C CYS A 138 -4.69 -28.88 38.04
N LEU A 139 -3.48 -29.25 37.62
CA LEU A 139 -2.72 -28.48 36.66
C LEU A 139 -2.55 -29.21 35.33
N PHE A 140 -3.05 -28.59 34.26
CA PHE A 140 -2.81 -29.08 32.91
C PHE A 140 -1.60 -28.35 32.36
N THR A 141 -0.63 -29.09 31.84
CA THR A 141 0.59 -28.46 31.33
C THR A 141 1.32 -29.32 30.31
N ASP A 142 2.44 -28.79 29.81
CA ASP A 142 3.30 -29.49 28.86
C ASP A 142 2.60 -29.93 27.58
N PHE A 143 1.59 -29.18 27.16
CA PHE A 143 0.86 -29.52 25.95
C PHE A 143 1.21 -28.60 24.77
N ASP A 144 0.74 -28.96 23.58
CA ASP A 144 1.05 -28.21 22.37
C ASP A 144 0.34 -26.86 22.37
N SER A 145 0.92 -25.89 21.65
CA SER A 145 0.39 -24.53 21.61
C SER A 145 -0.95 -24.44 20.90
N GLN A 146 -1.21 -25.38 19.99
CA GLN A 146 -2.44 -25.35 19.20
C GLN A 146 -3.67 -25.77 20.00
N THR A 147 -3.45 -26.22 21.24
CA THR A 147 -4.55 -26.66 22.10
C THR A 147 -5.27 -25.48 22.73
N ASN A 148 -6.60 -25.49 22.67
CA ASN A 148 -7.41 -24.48 23.35
C ASN A 148 -8.12 -25.04 24.57
N VAL A 149 -8.62 -24.15 25.42
CA VAL A 149 -9.21 -24.56 26.70
C VAL A 149 -10.71 -24.28 26.79
N SER A 150 -11.50 -25.33 27.02
CA SER A 150 -12.92 -25.18 27.28
C SER A 150 -13.20 -25.52 28.75
N GLN A 151 -13.79 -24.57 29.47
CA GLN A 151 -14.13 -24.80 30.87
C GLN A 151 -15.35 -25.70 30.99
N SER A 152 -15.38 -26.51 32.04
CA SER A 152 -16.53 -27.36 32.31
C SER A 152 -17.75 -26.49 32.57
N LYS A 153 -18.90 -26.92 32.06
CA LYS A 153 -20.11 -26.10 32.12
C LYS A 153 -20.60 -25.88 33.56
N ASP A 154 -20.10 -26.68 34.49
CA ASP A 154 -20.49 -26.56 35.89
C ASP A 154 -20.20 -25.17 36.44
N SER A 155 -21.09 -24.67 37.30
CA SER A 155 -20.98 -23.32 37.83
C SER A 155 -19.97 -23.20 38.96
N ASP A 156 -19.82 -24.27 39.74
CA ASP A 156 -18.93 -24.26 40.90
C ASP A 156 -17.58 -24.93 40.63
N VAL A 157 -17.31 -25.21 39.36
CA VAL A 157 -15.99 -25.68 38.95
C VAL A 157 -15.33 -24.63 38.06
N TYR A 158 -14.19 -24.12 38.52
CA TYR A 158 -13.54 -23.00 37.84
C TYR A 158 -12.32 -23.43 37.05
N ILE A 159 -12.25 -22.99 35.79
CA ILE A 159 -11.13 -23.31 34.91
C ILE A 159 -10.53 -22.03 34.33
N THR A 160 -9.23 -21.84 34.52
CA THR A 160 -8.55 -20.67 33.98
C THR A 160 -8.23 -20.84 32.50
N ASP A 161 -7.50 -19.89 31.94
CA ASP A 161 -7.16 -19.92 30.53
C ASP A 161 -5.74 -20.44 30.32
N LYS A 162 -5.39 -20.74 29.07
CA LYS A 162 -4.06 -21.20 28.72
C LYS A 162 -3.02 -20.12 29.07
N CYS A 163 -1.92 -20.54 29.69
CA CYS A 163 -0.88 -19.60 30.09
C CYS A 163 0.51 -20.15 29.82
N VAL A 164 1.32 -19.38 29.10
CA VAL A 164 2.65 -19.81 28.72
C VAL A 164 3.74 -19.17 29.59
N LEU A 165 4.56 -20.02 30.22
CA LEU A 165 5.70 -19.54 30.99
C LEU A 165 7.00 -19.87 30.27
N ASP A 166 8.05 -19.14 30.60
CA ASP A 166 9.35 -19.35 29.98
C ASP A 166 10.45 -19.50 31.01
N MET A 167 11.03 -20.69 31.10
CA MET A 167 12.21 -20.92 31.92
C MET A 167 13.43 -20.33 31.23
N ARG A 168 13.62 -19.02 31.40
CA ARG A 168 14.77 -18.33 30.82
C ARG A 168 16.07 -18.97 31.29
N SER A 169 17.10 -18.88 30.43
CA SER A 169 18.39 -19.53 30.66
C SER A 169 18.32 -21.06 30.65
N MET A 170 17.14 -21.60 30.36
CA MET A 170 16.99 -23.06 30.25
C MET A 170 16.42 -23.45 28.89
N ASP A 171 16.16 -22.44 28.07
CA ASP A 171 15.62 -22.64 26.72
C ASP A 171 14.34 -23.45 26.76
N PHE A 172 13.48 -23.15 27.74
CA PHE A 172 12.27 -23.93 27.94
C PHE A 172 11.02 -23.07 28.13
N LYS A 173 10.15 -23.07 27.12
CA LYS A 173 8.83 -22.46 27.24
C LYS A 173 7.79 -23.57 27.28
N SER A 174 6.75 -23.38 28.10
CA SER A 174 5.70 -24.38 28.22
C SER A 174 4.34 -23.74 28.45
N ASN A 175 3.28 -24.42 28.01
CA ASN A 175 1.93 -23.98 28.28
C ASN A 175 1.39 -24.62 29.54
N SER A 176 0.39 -23.98 30.16
CA SER A 176 -0.18 -24.48 31.41
C SER A 176 -1.54 -23.86 31.74
N ALA A 177 -2.38 -24.64 32.40
CA ALA A 177 -3.70 -24.18 32.82
C ALA A 177 -4.06 -24.72 34.19
N VAL A 178 -4.89 -23.98 34.93
CA VAL A 178 -5.25 -24.36 36.30
C VAL A 178 -6.75 -24.55 36.49
N ALA A 179 -7.11 -25.65 37.14
CA ALA A 179 -8.50 -25.96 37.46
C ALA A 179 -8.64 -26.20 38.96
N TRP A 180 -9.77 -25.77 39.54
CA TRP A 180 -10.02 -26.00 40.95
C TRP A 180 -11.51 -25.90 41.31
N SER A 181 -11.88 -26.58 42.39
CA SER A 181 -13.23 -26.52 42.93
C SER A 181 -13.25 -27.15 44.32
N ASN A 182 -14.15 -26.68 45.17
CA ASN A 182 -14.31 -27.24 46.51
C ASN A 182 -15.48 -28.21 46.54
N LYS A 183 -16.06 -28.45 45.37
CA LYS A 183 -17.25 -29.29 45.24
C LYS A 183 -16.96 -30.73 45.68
N SER A 184 -18.03 -31.52 45.85
CA SER A 184 -17.96 -32.88 46.35
C SER A 184 -16.95 -33.74 45.60
N ASP A 185 -17.04 -33.73 44.28
CA ASP A 185 -16.17 -34.56 43.45
C ASP A 185 -15.13 -33.76 42.66
N PHE A 186 -14.20 -33.11 43.36
CA PHE A 186 -13.08 -32.49 42.66
C PHE A 186 -12.03 -33.55 42.35
N ALA A 187 -11.73 -33.70 41.07
CA ALA A 187 -10.78 -34.68 40.59
C ALA A 187 -10.37 -34.28 39.17
N CYS A 188 -9.07 -34.36 38.89
CA CYS A 188 -8.56 -33.93 37.60
C CYS A 188 -8.74 -34.96 36.49
N ALA A 189 -9.71 -35.84 36.68
CA ALA A 189 -10.14 -36.77 35.63
C ALA A 189 -11.33 -36.16 34.91
N ASN A 190 -12.23 -35.54 35.67
CA ASN A 190 -13.40 -34.88 35.11
C ASN A 190 -13.20 -33.37 35.05
N ALA A 191 -11.97 -32.93 35.33
CA ALA A 191 -11.64 -31.51 35.27
C ALA A 191 -11.66 -30.99 33.84
N PHE A 192 -10.69 -31.43 33.04
CA PHE A 192 -10.63 -31.03 31.64
C PHE A 192 -11.21 -32.10 30.73
N ASN A 194 -13.65 -32.57 28.57
CA ASN A 194 -14.32 -31.69 27.61
C ASN A 194 -13.46 -30.47 27.25
N SER A 195 -12.21 -30.73 26.85
CA SER A 195 -11.29 -29.66 26.53
C SER A 195 -10.18 -30.09 25.57
N ILE A 196 -10.57 -30.76 24.49
CA ILE A 196 -9.65 -30.98 23.37
C ILE A 196 -8.39 -31.80 23.74
N ILE A 197 -8.27 -32.12 25.02
CA ILE A 197 -7.15 -32.89 25.57
C ILE A 197 -6.66 -34.02 24.67
N PRO A 198 -5.35 -34.10 24.47
CA PRO A 198 -4.71 -35.08 23.58
C PRO A 198 -4.91 -36.53 24.01
N GLU A 199 -4.82 -37.45 23.05
CA GLU A 199 -4.97 -38.88 23.30
C GLU A 199 -3.79 -39.42 24.12
N ASP A 200 -2.63 -38.81 23.94
CA ASP A 200 -1.39 -39.26 24.57
C ASP A 200 -1.15 -38.56 25.91
N THR A 201 -2.20 -38.00 26.48
CA THR A 201 -2.11 -37.24 27.72
C THR A 201 -1.83 -38.15 28.93
N PHE A 202 -0.82 -37.80 29.73
CA PHE A 202 -0.41 -38.60 30.90
C PHE A 202 -1.31 -38.40 32.12
N PHE A 203 -1.47 -39.46 32.92
CA PHE A 203 -2.24 -39.39 34.15
C PHE A 203 -1.54 -40.10 35.30
N ALA B 6 8.43 7.98 33.38
CA ALA B 6 8.42 9.11 32.46
C ALA B 6 8.36 10.43 33.20
N ALA B 7 8.31 11.53 32.45
CA ALA B 7 8.22 12.85 33.04
C ALA B 7 6.77 13.27 33.20
N VAL B 8 5.86 12.30 33.05
CA VAL B 8 4.44 12.52 33.27
C VAL B 8 3.94 11.55 34.33
N THR B 9 3.41 12.08 35.43
CA THR B 9 2.98 11.25 36.55
C THR B 9 1.52 11.51 36.93
N GLN B 10 0.83 10.44 37.31
CA GLN B 10 -0.58 10.52 37.68
C GLN B 10 -0.79 10.10 39.12
N SER B 11 -1.74 10.74 39.78
CA SER B 11 -2.10 10.39 41.16
C SER B 11 -3.59 10.59 41.38
N PRO B 12 -4.27 9.57 41.93
CA PRO B 12 -3.67 8.29 42.34
C PRO B 12 -3.54 7.33 41.16
N ARG B 13 -2.97 6.15 41.42
CA ARG B 13 -2.87 5.11 40.40
C ARG B 13 -4.02 4.13 40.54
N ASN B 14 -4.51 4.01 41.78
CA ASN B 14 -5.66 3.16 42.06
C ASN B 14 -6.66 3.89 42.96
N LYS B 15 -7.93 3.86 42.57
CA LYS B 15 -8.97 4.53 43.34
C LYS B 15 -10.27 3.74 43.34
N VAL B 16 -10.75 3.41 44.54
CA VAL B 16 -12.06 2.79 44.69
C VAL B 16 -13.08 3.86 45.01
N ALA B 17 -13.94 4.16 44.05
CA ALA B 17 -14.92 5.24 44.22
C ALA B 17 -16.30 4.71 44.63
N VAL B 18 -17.23 5.63 44.84
CA VAL B 18 -18.59 5.26 45.21
C VAL B 18 -19.60 6.11 44.44
N THR B 19 -20.68 5.48 44.00
CA THR B 19 -21.71 6.16 43.22
C THR B 19 -22.23 7.42 43.90
N GLY B 20 -21.90 8.56 43.32
CA GLY B 20 -22.35 9.84 43.82
C GLY B 20 -21.22 10.64 44.45
N GLY B 21 -20.06 10.01 44.59
CA GLY B 21 -18.92 10.65 45.22
C GLY B 21 -18.14 11.53 44.29
N LYS B 22 -17.27 12.36 44.86
CA LYS B 22 -16.43 13.27 44.08
C LYS B 22 -15.04 12.67 43.88
N VAL B 23 -14.66 12.47 42.62
CA VAL B 23 -13.36 11.91 42.29
C VAL B 23 -12.53 12.88 41.45
N THR B 24 -11.28 13.08 41.86
CA THR B 24 -10.40 14.00 41.15
C THR B 24 -9.07 13.34 40.77
N LEU B 25 -8.87 13.14 39.48
CA LEU B 25 -7.60 12.63 38.97
C LEU B 25 -6.65 13.80 38.70
N SER B 26 -5.38 13.64 39.08
CA SER B 26 -4.40 14.68 38.87
C SER B 26 -3.23 14.19 38.01
N CYS B 27 -2.72 15.08 37.16
CA CYS B 27 -1.61 14.74 36.26
C CYS B 27 -0.60 15.88 36.17
N ASN B 28 0.58 15.65 36.73
CA ASN B 28 1.66 16.63 36.66
C ASN B 28 2.70 16.25 35.61
N GLN B 29 3.33 17.25 35.02
CA GLN B 29 4.35 17.02 34.01
C GLN B 29 5.60 17.84 34.30
N THR B 30 6.71 17.45 33.67
CA THR B 30 7.95 18.21 33.75
C THR B 30 8.61 18.26 32.39
N ASN B 31 7.89 18.77 31.39
CA ASN B 31 8.38 18.82 30.03
C ASN B 31 8.09 20.14 29.31
N ASN B 32 7.35 21.03 29.98
CA ASN B 32 6.94 22.30 29.40
C ASN B 32 6.10 22.17 28.13
N HIS B 33 5.44 21.03 27.99
CA HIS B 33 4.55 20.81 26.85
C HIS B 33 3.24 21.57 27.06
N ASN B 34 2.86 22.39 26.08
CA ASN B 34 1.68 23.24 26.20
C ASN B 34 0.37 22.47 26.31
N ASN B 35 0.31 21.33 25.64
CA ASN B 35 -0.91 20.53 25.61
C ASN B 35 -0.92 19.37 26.61
N MET B 36 -2.05 19.19 27.29
CA MET B 36 -2.24 18.06 28.19
C MET B 36 -3.57 17.38 27.90
N TYR B 37 -3.61 16.06 27.99
CA TYR B 37 -4.78 15.30 27.57
C TYR B 37 -5.27 14.34 28.65
N TRP B 38 -6.55 14.01 28.58
CA TRP B 38 -7.15 13.00 29.45
C TRP B 38 -7.93 11.95 28.65
N TYR B 39 -7.44 10.72 28.67
CA TYR B 39 -8.12 9.62 27.98
C TYR B 39 -8.64 8.59 28.97
N ARG B 40 -9.56 7.75 28.50
CA ARG B 40 -10.00 6.59 29.26
C ARG B 40 -10.02 5.37 28.35
N GLN B 41 -9.65 4.21 28.89
CA GLN B 41 -9.62 3.00 28.09
C GLN B 41 -10.70 2.00 28.49
N ASP B 42 -11.43 1.52 27.49
CA ASP B 42 -12.45 0.50 27.70
C ASP B 42 -12.39 -0.49 26.55
N THR B 43 -12.41 -1.78 26.86
CA THR B 43 -12.30 -2.83 25.86
C THR B 43 -13.40 -2.73 24.80
N GLY B 44 -12.98 -2.79 23.54
CA GLY B 44 -13.92 -2.68 22.43
C GLY B 44 -14.01 -1.25 21.92
N HIS B 45 -13.44 -0.31 22.68
CA HIS B 45 -13.48 1.09 22.32
C HIS B 45 -12.08 1.69 22.22
N GLY B 46 -11.08 0.93 22.66
CA GLY B 46 -9.71 1.39 22.64
C GLY B 46 -9.50 2.58 23.56
N LEU B 47 -8.99 3.67 22.99
CA LEU B 47 -8.72 4.87 23.76
C LEU B 47 -9.58 6.03 23.29
N ARG B 48 -10.35 6.62 24.21
CA ARG B 48 -11.25 7.71 23.86
C ARG B 48 -10.91 9.00 24.60
N LEU B 49 -11.07 10.12 23.91
CA LEU B 49 -10.70 11.43 24.46
C LEU B 49 -11.81 12.03 25.31
N ILE B 50 -11.43 12.55 26.48
CA ILE B 50 -12.37 13.15 27.41
C ILE B 50 -12.24 14.66 27.44
N HIS B 51 -11.05 15.13 27.79
CA HIS B 51 -10.76 16.57 27.82
C HIS B 51 -9.29 16.82 27.50
N TYR B 52 -9.00 17.99 26.96
CA TYR B 52 -7.61 18.42 26.77
C TYR B 52 -7.45 19.92 27.02
N SER B 53 -6.22 20.41 26.87
CA SER B 53 -5.92 21.80 27.18
C SER B 53 -4.80 22.33 26.28
N TYR B 54 -4.86 23.62 25.98
CA TYR B 54 -3.86 24.26 25.13
C TYR B 54 -2.78 24.96 25.95
N GLY B 55 -3.10 25.22 27.21
CA GLY B 55 -2.19 25.91 28.11
C GLY B 55 -2.84 26.21 29.44
N ALA B 56 -2.17 26.99 30.27
CA ALA B 56 -2.69 27.35 31.59
C ALA B 56 -3.99 28.16 31.46
N GLY B 57 -5.06 27.63 32.05
CA GLY B 57 -6.36 28.27 32.00
C GLY B 57 -7.23 27.73 30.89
N SER B 58 -6.63 26.98 29.97
CA SER B 58 -7.35 26.42 28.83
C SER B 58 -8.05 25.12 29.18
N THR B 59 -9.27 24.96 28.70
CA THR B 59 -10.02 23.72 28.84
C THR B 59 -10.88 23.47 27.61
N GLU B 60 -10.61 22.36 26.92
CA GLU B 60 -11.35 22.01 25.72
C GLU B 60 -12.01 20.64 25.88
N LYS B 61 -13.25 20.52 25.39
CA LYS B 61 -13.98 19.27 25.46
C LYS B 61 -13.41 18.23 24.50
N GLY B 62 -13.43 16.97 24.92
CA GLY B 62 -12.99 15.89 24.07
C GLY B 62 -14.16 15.23 23.37
N ASP B 63 -13.99 13.96 22.99
CA ASP B 63 -15.03 13.24 22.29
C ASP B 63 -16.15 12.79 23.24
N ILE B 64 -15.77 12.44 24.46
CA ILE B 64 -16.75 12.01 25.46
C ILE B 64 -16.57 12.77 26.79
N PRO B 65 -16.91 14.06 26.81
CA PRO B 65 -16.68 14.91 27.98
C PRO B 65 -17.78 14.79 29.03
N ASP B 66 -18.94 14.26 28.64
CA ASP B 66 -20.09 14.18 29.53
C ASP B 66 -19.80 13.40 30.81
N GLY B 67 -20.00 14.04 31.95
CA GLY B 67 -19.78 13.42 33.23
C GLY B 67 -18.49 13.89 33.88
N TYR B 68 -17.57 14.38 33.06
CA TYR B 68 -16.26 14.81 33.55
C TYR B 68 -16.08 16.32 33.48
N LYS B 69 -15.24 16.84 34.37
CA LYS B 69 -14.86 18.25 34.35
C LYS B 69 -13.34 18.36 34.41
N ALA B 70 -12.78 19.32 33.68
CA ALA B 70 -11.34 19.46 33.58
C ALA B 70 -10.84 20.77 34.16
N SER B 71 -9.58 20.80 34.59
CA SER B 71 -8.98 21.98 35.19
C SER B 71 -7.49 22.08 34.88
N ARG B 72 -7.08 23.24 34.35
CA ARG B 72 -5.67 23.50 34.07
C ARG B 72 -5.21 24.74 34.84
N PRO B 73 -4.87 24.58 36.12
CA PRO B 73 -4.44 25.69 36.97
C PRO B 73 -3.05 26.21 36.61
N SER B 74 -2.22 25.33 36.09
CA SER B 74 -0.86 25.71 35.70
C SER B 74 -0.44 24.99 34.42
N GLN B 75 0.77 25.28 33.97
CA GLN B 75 1.33 24.64 32.78
C GLN B 75 1.59 23.17 33.04
N GLU B 76 1.95 22.85 34.28
CA GLU B 76 2.36 21.50 34.63
C GLU B 76 1.21 20.57 35.03
N ASN B 77 0.13 21.15 35.56
CA ASN B 77 -0.96 20.34 36.10
C ASN B 77 -2.24 20.35 35.28
N PHE B 78 -2.75 19.14 35.00
CA PHE B 78 -4.04 18.96 34.33
C PHE B 78 -4.86 17.95 35.13
N SER B 79 -6.02 18.39 35.63
CA SER B 79 -6.83 17.55 36.50
C SER B 79 -8.19 17.19 35.90
N LEU B 80 -8.67 16.00 36.23
CA LEU B 80 -9.98 15.54 35.80
C LEU B 80 -10.90 15.42 37.01
N ILE B 81 -12.08 16.02 36.94
CA ILE B 81 -12.99 16.06 38.09
C ILE B 81 -14.29 15.29 37.83
N LEU B 82 -14.53 14.27 38.65
CA LEU B 82 -15.75 13.49 38.56
C LEU B 82 -16.67 13.85 39.73
N GLU B 83 -17.55 14.81 39.51
CA GLU B 83 -18.45 15.30 40.56
C GLU B 83 -19.43 14.22 41.03
N LEU B 84 -20.17 13.65 40.09
CA LEU B 84 -21.10 12.58 40.41
C LEU B 84 -20.64 11.26 39.80
N ALA B 85 -19.92 10.47 40.58
CA ALA B 85 -19.33 9.23 40.09
C ALA B 85 -20.39 8.20 39.69
N THR B 86 -20.22 7.63 38.50
CA THR B 86 -21.11 6.61 37.99
C THR B 86 -20.32 5.36 37.66
N PRO B 87 -20.95 4.17 37.76
CA PRO B 87 -20.30 2.91 37.39
C PRO B 87 -19.85 2.88 35.93
N SER B 88 -20.43 3.75 35.11
CA SER B 88 -20.05 3.85 33.70
C SER B 88 -18.71 4.57 33.56
N GLN B 89 -18.29 5.25 34.61
CA GLN B 89 -17.01 5.94 34.62
C GLN B 89 -15.90 5.03 35.12
N THR B 90 -16.27 3.78 35.44
CA THR B 90 -15.30 2.77 35.84
C THR B 90 -14.44 2.38 34.64
N SER B 91 -13.19 2.79 34.66
CA SER B 91 -12.28 2.53 33.56
C SER B 91 -10.83 2.79 33.94
N VAL B 92 -9.94 2.63 32.97
CA VAL B 92 -8.53 2.98 33.14
C VAL B 92 -8.26 4.30 32.46
N TYR B 93 -7.75 5.27 33.21
CA TYR B 93 -7.54 6.61 32.70
C TYR B 93 -6.07 6.93 32.44
N PHE B 94 -5.80 7.60 31.33
CA PHE B 94 -4.44 7.98 30.97
C PHE B 94 -4.31 9.49 30.77
N CYS B 95 -3.19 10.05 31.21
CA CYS B 95 -2.89 11.45 30.98
C CYS B 95 -1.75 11.57 29.97
N ALA B 96 -1.59 12.76 29.39
CA ALA B 96 -0.57 12.95 28.37
C ALA B 96 -0.06 14.39 28.30
N SER B 97 1.15 14.55 27.78
CA SER B 97 1.70 15.87 27.47
C SER B 97 1.78 16.02 25.94
N GLY B 98 1.53 17.22 25.44
CA GLY B 98 1.41 17.41 24.01
C GLY B 98 2.33 18.45 23.39
N GLY B 99 3.63 18.23 23.51
CA GLY B 99 4.60 19.06 22.82
C GLY B 99 4.60 18.67 21.35
N GLY B 100 4.12 19.58 20.50
CA GLY B 100 3.98 19.28 19.09
C GLY B 100 2.80 18.38 18.83
N GLY B 101 3.00 17.38 17.98
CA GLY B 101 1.94 16.44 17.64
C GLY B 101 2.01 15.15 18.44
N THR B 102 3.22 14.73 18.77
CA THR B 102 3.43 13.47 19.50
C THR B 102 2.91 13.55 20.94
N LEU B 103 2.57 12.40 21.50
CA LEU B 103 2.01 12.34 22.85
C LEU B 103 2.84 11.47 23.79
N TYR B 104 2.97 11.91 25.04
CA TYR B 104 3.72 11.18 26.06
C TYR B 104 2.81 10.81 27.23
N PHE B 105 2.58 9.51 27.40
CA PHE B 105 1.59 9.03 28.36
C PHE B 105 2.14 8.73 29.75
N GLY B 106 1.23 8.69 30.72
CA GLY B 106 1.58 8.29 32.08
C GLY B 106 1.25 6.82 32.30
N ALA B 107 1.55 6.32 33.50
CA ALA B 107 1.37 4.91 33.80
C ALA B 107 -0.09 4.50 33.86
N GLY B 108 -0.98 5.46 34.06
CA GLY B 108 -2.41 5.21 34.06
C GLY B 108 -3.02 5.06 35.44
N THR B 109 -4.35 5.17 35.51
CA THR B 109 -5.06 5.06 36.78
C THR B 109 -6.30 4.17 36.64
N ARG B 110 -6.38 3.14 37.46
CA ARG B 110 -7.55 2.26 37.48
C ARG B 110 -8.60 2.75 38.48
N LEU B 111 -9.79 3.07 37.97
CA LEU B 111 -10.87 3.58 38.80
C LEU B 111 -12.09 2.68 38.76
N SER B 112 -12.54 2.24 39.94
CA SER B 112 -13.76 1.44 40.04
C SER B 112 -14.81 2.15 40.88
N VAL B 113 -16.00 2.31 40.30
CA VAL B 113 -17.11 2.93 41.01
C VAL B 113 -18.20 1.90 41.27
N LEU B 114 -18.48 1.65 42.55
CA LEU B 114 -19.41 0.60 42.94
C LEU B 114 -20.64 1.19 43.62
N GLU B 115 -21.74 0.42 43.66
CA GLU B 115 -22.94 0.85 44.34
C GLU B 115 -22.73 0.91 45.84
N ASP B 116 -22.15 -0.14 46.40
CA ASP B 116 -21.91 -0.22 47.83
C ASP B 116 -20.43 -0.49 48.13
N LEU B 117 -19.87 0.27 49.04
CA LEU B 117 -18.45 0.13 49.41
C LEU B 117 -18.20 -1.14 50.21
N LYS B 118 -19.26 -1.77 50.68
CA LYS B 118 -19.15 -2.97 51.51
C LYS B 118 -18.77 -4.19 50.69
N ASN B 119 -18.86 -4.06 49.37
CA ASN B 119 -18.54 -5.15 48.46
C ASN B 119 -17.06 -5.27 48.16
N VAL B 120 -16.26 -4.38 48.75
CA VAL B 120 -14.82 -4.39 48.54
C VAL B 120 -14.15 -5.43 49.44
N PHE B 121 -13.47 -6.39 48.82
CA PHE B 121 -12.80 -7.45 49.56
C PHE B 121 -11.37 -7.67 49.08
N PRO B 122 -10.46 -7.95 50.03
CA PRO B 122 -9.09 -8.35 49.72
C PRO B 122 -9.03 -9.83 49.34
N PRO B 123 -7.98 -10.25 48.63
CA PRO B 123 -7.88 -11.64 48.17
C PRO B 123 -7.45 -12.63 49.23
N GLU B 124 -7.76 -13.90 48.99
CA GLU B 124 -7.27 -15.01 49.81
C GLU B 124 -6.17 -15.71 49.02
N VAL B 125 -4.94 -15.62 49.51
CA VAL B 125 -3.79 -16.15 48.78
C VAL B 125 -3.37 -17.53 49.30
N ALA B 126 -3.18 -18.47 48.37
CA ALA B 126 -2.77 -19.82 48.72
C ALA B 126 -1.75 -20.39 47.72
N VAL B 127 -0.65 -20.91 48.24
CA VAL B 127 0.38 -21.52 47.40
C VAL B 127 0.26 -23.04 47.41
N PHE B 128 0.21 -23.64 46.22
CA PHE B 128 0.09 -25.08 46.09
C PHE B 128 1.40 -25.72 45.67
N GLU B 129 1.84 -26.70 46.47
CA GLU B 129 3.12 -27.37 46.22
C GLU B 129 3.08 -28.24 44.97
N PRO B 130 4.22 -28.31 44.24
CA PRO B 130 4.35 -29.10 43.01
C PRO B 130 4.01 -30.57 43.23
N SER B 131 3.58 -31.23 42.15
CA SER B 131 3.21 -32.64 42.22
C SER B 131 4.43 -33.55 42.10
N GLU B 132 4.50 -34.55 42.97
CA GLU B 132 5.58 -35.52 42.95
C GLU B 132 5.62 -36.32 41.66
N ALA B 133 4.44 -36.53 41.07
CA ALA B 133 4.33 -37.24 39.80
C ALA B 133 4.89 -36.40 38.67
N GLU B 134 4.74 -35.08 38.80
CA GLU B 134 5.28 -34.14 37.82
C GLU B 134 6.79 -34.10 37.90
N ILE B 135 7.30 -33.99 39.14
CA ILE B 135 8.72 -33.98 39.40
C ILE B 135 9.39 -35.25 38.87
N SER B 136 8.70 -36.38 39.05
CA SER B 136 9.21 -37.68 38.61
C SER B 136 9.25 -37.78 37.09
N HIS B 137 8.34 -37.08 36.43
CA HIS B 137 8.20 -37.20 34.98
C HIS B 137 9.00 -36.14 34.22
N THR B 138 8.85 -34.88 34.62
CA THR B 138 9.42 -33.77 33.86
C THR B 138 10.75 -33.27 34.41
N GLN B 139 11.14 -33.77 35.59
CA GLN B 139 12.32 -33.26 36.31
C GLN B 139 12.17 -31.77 36.58
N LYS B 140 10.92 -31.34 36.72
CA LYS B 140 10.60 -29.93 36.97
C LYS B 140 9.50 -29.85 38.02
N ALA B 141 9.33 -28.67 38.61
CA ALA B 141 8.35 -28.48 39.67
C ALA B 141 7.53 -27.22 39.46
N THR B 142 6.21 -27.37 39.36
CA THR B 142 5.33 -26.23 39.12
C THR B 142 4.53 -25.86 40.37
N LEU B 143 4.84 -24.71 40.95
CA LEU B 143 4.06 -24.18 42.05
C LEU B 143 2.93 -23.32 41.50
N VAL B 144 1.78 -23.34 42.16
CA VAL B 144 0.65 -22.54 41.73
C VAL B 144 0.09 -21.69 42.87
N CYS B 145 0.07 -20.38 42.66
CA CYS B 145 -0.51 -19.46 43.63
C CYS B 145 -1.97 -19.17 43.25
N LEU B 146 -2.82 -19.09 44.26
CA LEU B 146 -4.24 -18.86 44.04
C LEU B 146 -4.75 -17.70 44.88
N ALA B 147 -5.11 -16.60 44.21
CA ALA B 147 -5.69 -15.45 44.88
C ALA B 147 -7.20 -15.42 44.62
N THR B 148 -7.98 -15.67 45.66
CA THR B 148 -9.43 -15.84 45.49
C THR B 148 -10.27 -14.81 46.25
N GLY B 149 -11.49 -14.62 45.79
CA GLY B 149 -12.48 -13.81 46.49
C GLY B 149 -12.14 -12.35 46.71
N PHE B 150 -11.53 -11.71 45.72
CA PHE B 150 -11.21 -10.29 45.82
C PHE B 150 -12.06 -9.44 44.90
N TYR B 151 -12.29 -8.20 45.32
CA TYR B 151 -13.09 -7.26 44.53
C TYR B 151 -12.76 -5.83 44.94
N PRO B 152 -12.51 -4.95 43.94
CA PRO B 152 -12.50 -5.29 42.52
C PRO B 152 -11.15 -5.84 42.06
N ASP B 153 -10.94 -5.94 40.76
CA ASP B 153 -9.72 -6.53 40.21
C ASP B 153 -8.56 -5.54 40.11
N HIS B 154 -8.12 -5.03 41.25
CA HIS B 154 -6.96 -4.13 41.30
C HIS B 154 -5.75 -4.85 41.87
N VAL B 155 -5.51 -6.08 41.43
CA VAL B 155 -4.44 -6.89 41.99
C VAL B 155 -3.19 -6.98 41.12
N GLU B 156 -2.04 -7.07 41.78
CA GLU B 156 -0.76 -7.28 41.09
C GLU B 156 -0.04 -8.44 41.76
N LEU B 157 0.21 -9.50 41.00
CA LEU B 157 0.85 -10.69 41.54
C LEU B 157 2.36 -10.70 41.24
N SER B 158 3.13 -11.26 42.17
CA SER B 158 4.56 -11.39 41.99
C SER B 158 5.10 -12.59 42.76
N TRP B 159 6.14 -13.22 42.22
CA TRP B 159 6.76 -14.36 42.88
C TRP B 159 8.07 -13.97 43.55
N TRP B 160 8.29 -14.48 44.76
CA TRP B 160 9.48 -14.14 45.52
C TRP B 160 10.20 -15.40 46.00
N VAL B 161 11.42 -15.58 45.53
CA VAL B 161 12.22 -16.73 45.90
C VAL B 161 13.43 -16.29 46.73
N ASN B 162 13.43 -16.67 48.01
CA ASN B 162 14.51 -16.33 48.94
C ASN B 162 14.74 -14.83 49.09
N GLY B 163 13.65 -14.05 49.04
CA GLY B 163 13.72 -12.63 49.28
C GLY B 163 13.70 -11.76 48.03
N LYS B 164 14.05 -12.36 46.90
CA LYS B 164 14.14 -11.61 45.65
C LYS B 164 12.93 -11.85 44.76
N GLU B 165 12.45 -10.79 44.10
CA GLU B 165 11.39 -10.93 43.13
C GLU B 165 11.91 -11.57 41.84
N VAL B 166 11.27 -12.65 41.42
CA VAL B 166 11.70 -13.36 40.21
C VAL B 166 10.69 -13.17 39.09
N HIS B 167 11.15 -13.32 37.85
CA HIS B 167 10.30 -13.16 36.68
C HIS B 167 10.38 -14.38 35.76
N SER B 168 11.51 -15.08 35.81
CA SER B 168 11.71 -16.26 34.98
C SER B 168 10.86 -17.44 35.46
N GLY B 169 10.35 -18.21 34.52
CA GLY B 169 9.54 -19.37 34.84
C GLY B 169 8.19 -19.00 35.42
N VAL B 170 7.73 -17.80 35.10
CA VAL B 170 6.47 -17.31 35.67
C VAL B 170 5.45 -16.98 34.58
N CYS B 171 4.22 -17.43 34.79
CA CYS B 171 3.10 -16.97 33.98
C CYS B 171 1.88 -16.75 34.87
N THR B 172 1.26 -15.58 34.71
CA THR B 172 0.09 -15.21 35.50
C THR B 172 -1.08 -14.92 34.58
N ASP B 173 -2.27 -15.33 34.97
CA ASP B 173 -3.48 -15.10 34.17
C ASP B 173 -3.67 -13.61 33.89
N PRO B 174 -3.86 -13.26 32.60
CA PRO B 174 -4.00 -11.87 32.16
C PRO B 174 -5.24 -11.21 32.75
N GLN B 175 -6.25 -12.00 33.05
CA GLN B 175 -7.47 -11.50 33.66
C GLN B 175 -7.97 -12.44 34.76
N PRO B 176 -8.58 -11.87 35.80
CA PRO B 176 -9.16 -12.69 36.87
C PRO B 176 -10.45 -13.37 36.41
N LEU B 177 -11.06 -14.15 37.29
CA LEU B 177 -12.28 -14.88 36.96
C LEU B 177 -13.46 -14.41 37.80
N LYS B 178 -14.64 -14.37 37.19
CA LYS B 178 -15.86 -14.11 37.93
C LYS B 178 -16.21 -15.34 38.74
N GLU B 179 -16.11 -15.25 40.06
CA GLU B 179 -16.43 -16.38 40.93
C GLU B 179 -17.91 -16.76 40.82
N GLN B 180 -18.77 -15.75 40.76
CA GLN B 180 -20.18 -15.95 40.45
C GLN B 180 -20.56 -15.10 39.25
N PRO B 181 -20.28 -15.62 38.03
CA PRO B 181 -20.41 -14.93 36.74
C PRO B 181 -21.76 -14.26 36.50
N ALA B 182 -22.80 -14.70 37.20
CA ALA B 182 -24.14 -14.16 37.00
C ALA B 182 -24.29 -12.75 37.55
N LEU B 183 -23.57 -12.46 38.63
CA LEU B 183 -23.70 -11.19 39.33
C LEU B 183 -22.94 -10.05 38.66
N ASN B 184 -23.50 -8.84 38.74
CA ASN B 184 -22.80 -7.65 38.31
C ASN B 184 -21.62 -7.36 39.22
N ASP B 185 -21.86 -7.44 40.53
CA ASP B 185 -20.77 -7.39 41.49
C ASP B 185 -20.36 -8.82 41.86
N SER B 186 -19.22 -9.24 41.34
CA SER B 186 -18.73 -10.59 41.56
C SER B 186 -17.26 -10.57 41.98
N ARG B 187 -16.95 -11.28 43.06
CA ARG B 187 -15.57 -11.37 43.52
C ARG B 187 -14.72 -12.09 42.49
N TYR B 188 -13.41 -11.87 42.55
CA TYR B 188 -12.52 -12.42 41.53
C TYR B 188 -11.56 -13.48 42.06
N ALA B 189 -11.05 -14.29 41.13
CA ALA B 189 -10.05 -15.30 41.45
C ALA B 189 -8.94 -15.24 40.41
N LEU B 190 -7.70 -15.34 40.87
CA LEU B 190 -6.55 -15.27 39.97
C LEU B 190 -5.53 -16.34 40.30
N SER B 191 -4.97 -16.97 39.26
CA SER B 191 -3.96 -18.00 39.44
C SER B 191 -2.64 -17.61 38.80
N SER B 192 -1.55 -18.17 39.32
CA SER B 192 -0.23 -17.93 38.76
C SER B 192 0.59 -19.22 38.78
N ARG B 193 1.71 -19.22 38.05
CA ARG B 193 2.52 -20.42 37.91
C ARG B 193 4.01 -20.12 37.93
N LEU B 194 4.68 -20.57 38.98
CA LEU B 194 6.14 -20.50 39.04
C LEU B 194 6.71 -21.91 38.88
N ARG B 195 7.47 -22.11 37.80
CA ARG B 195 8.03 -23.42 37.52
C ARG B 195 9.55 -23.39 37.61
N VAL B 196 10.11 -24.30 38.40
CA VAL B 196 11.55 -24.39 38.56
C VAL B 196 12.01 -25.83 38.38
N SER B 197 13.32 -26.06 38.49
CA SER B 197 13.87 -27.41 38.39
C SER B 197 13.47 -28.23 39.61
N ALA B 198 13.50 -29.55 39.47
CA ALA B 198 13.19 -30.44 40.57
C ALA B 198 14.18 -30.25 41.71
N THR B 199 15.46 -30.16 41.35
CA THR B 199 16.52 -29.96 42.33
C THR B 199 16.34 -28.70 43.16
N PHE B 200 15.99 -27.60 42.50
CA PHE B 200 15.82 -26.32 43.19
C PHE B 200 14.66 -26.35 44.17
N TRP B 201 13.58 -27.02 43.79
CA TRP B 201 12.43 -27.18 44.68
C TRP B 201 12.75 -28.16 45.81
N GLN B 202 13.56 -29.17 45.49
CA GLN B 202 13.90 -30.20 46.46
C GLN B 202 14.95 -29.75 47.47
N ASN B 203 15.39 -28.50 47.35
CA ASN B 203 16.31 -27.92 48.32
C ASN B 203 15.53 -27.28 49.46
N PRO B 204 15.60 -27.89 50.66
CA PRO B 204 14.78 -27.48 51.80
C PRO B 204 15.14 -26.11 52.36
N ARG B 205 16.28 -25.56 51.95
CA ARG B 205 16.69 -24.24 52.42
C ARG B 205 16.29 -23.14 51.44
N ASN B 206 15.38 -23.48 50.53
CA ASN B 206 14.84 -22.51 49.59
C ASN B 206 13.42 -22.07 49.96
N HIS B 207 13.18 -20.77 49.95
CA HIS B 207 11.90 -20.22 50.35
C HIS B 207 11.14 -19.65 49.16
N PHE B 208 9.88 -20.04 49.02
CA PHE B 208 9.04 -19.57 47.92
C PHE B 208 7.85 -18.79 48.49
N ARG B 209 7.45 -17.74 47.79
CA ARG B 209 6.35 -16.91 48.27
C ARG B 209 5.62 -16.19 47.14
N CYS B 210 4.33 -16.46 47.02
CA CYS B 210 3.49 -15.73 46.08
C CYS B 210 2.93 -14.49 46.75
N GLN B 211 3.28 -13.32 46.21
CA GLN B 211 2.89 -12.06 46.81
C GLN B 211 1.84 -11.33 45.96
N VAL B 212 0.69 -11.07 46.56
CA VAL B 212 -0.40 -10.41 45.86
C VAL B 212 -0.68 -9.00 46.40
N GLN B 213 -0.47 -8.00 45.56
CA GLN B 213 -0.73 -6.62 45.92
C GLN B 213 -2.19 -6.25 45.66
N PHE B 214 -2.88 -5.80 46.69
CA PHE B 214 -4.28 -5.43 46.56
C PHE B 214 -4.49 -3.93 46.79
N TYR B 215 -5.19 -3.30 45.87
CA TYR B 215 -5.51 -1.87 46.00
C TYR B 215 -6.99 -1.70 46.32
N GLY B 216 -7.26 -1.14 47.50
CA GLY B 216 -8.62 -0.94 47.94
C GLY B 216 -8.92 0.49 48.36
N LEU B 217 -9.39 0.66 49.60
CA LEU B 217 -9.82 1.95 50.09
C LEU B 217 -8.67 2.78 50.65
N SER B 218 -8.80 4.09 50.57
CA SER B 218 -7.82 4.99 51.19
C SER B 218 -8.20 5.22 52.63
N GLU B 219 -7.38 5.98 53.36
CA GLU B 219 -7.66 6.23 54.77
C GLU B 219 -8.90 7.12 54.98
N ASN B 220 -9.21 7.99 54.03
CA ASN B 220 -10.28 8.98 54.20
C ASN B 220 -11.70 8.42 54.25
N ASP B 221 -11.88 7.29 53.62
CA ASP B 221 -13.17 6.59 53.54
C ASP B 221 -13.64 6.15 54.93
N GLU B 222 -14.87 6.42 55.36
CA GLU B 222 -15.28 5.96 56.70
C GLU B 222 -15.76 4.51 56.65
N TRP B 223 -15.23 3.69 57.55
CA TRP B 223 -15.52 2.26 57.55
C TRP B 223 -16.28 1.84 58.82
N THR B 224 -17.46 1.27 58.63
CA THR B 224 -18.29 0.80 59.74
C THR B 224 -18.83 -0.59 59.45
N GLN B 225 -17.96 -1.60 59.54
CA GLN B 225 -18.33 -2.95 59.11
C GLN B 225 -17.83 -4.06 60.01
N ASP B 226 -17.21 -3.70 61.13
CA ASP B 226 -16.73 -4.67 62.12
C ASP B 226 -15.58 -5.52 61.62
N ARG B 227 -15.48 -5.67 60.30
CA ARG B 227 -14.38 -6.39 59.71
C ARG B 227 -13.32 -5.40 59.25
N ALA B 228 -12.10 -5.89 59.06
CA ALA B 228 -10.96 -5.05 58.72
C ALA B 228 -11.18 -4.24 57.45
N LYS B 229 -10.89 -2.95 57.53
CA LYS B 229 -11.05 -2.03 56.40
C LYS B 229 -10.21 -2.47 55.20
N PRO B 230 -10.87 -2.72 54.06
CA PRO B 230 -10.23 -3.24 52.85
C PRO B 230 -9.26 -2.25 52.22
N VAL B 231 -8.29 -1.79 53.02
CA VAL B 231 -7.31 -0.83 52.54
C VAL B 231 -6.29 -1.49 51.64
N THR B 232 -5.47 -0.68 50.98
CA THR B 232 -4.40 -1.19 50.14
C THR B 232 -3.42 -1.99 51.00
N GLN B 233 -3.22 -3.25 50.64
CA GLN B 233 -2.43 -4.16 51.45
C GLN B 233 -1.81 -5.27 50.61
N ILE B 234 -0.91 -6.03 51.22
CA ILE B 234 -0.30 -7.18 50.57
C ILE B 234 -0.71 -8.47 51.27
N VAL B 235 -1.44 -9.32 50.56
CA VAL B 235 -1.76 -10.65 51.07
C VAL B 235 -0.85 -11.65 50.39
N SER B 236 -0.28 -12.57 51.16
CA SER B 236 0.70 -13.50 50.61
C SER B 236 0.67 -14.87 51.28
N ALA B 237 0.96 -15.90 50.49
CA ALA B 237 1.12 -17.26 51.00
C ALA B 237 2.54 -17.73 50.72
N GLU B 238 2.93 -18.83 51.36
CA GLU B 238 4.32 -19.30 51.25
C GLU B 238 4.43 -20.81 51.13
N ALA B 239 5.65 -21.27 50.88
CA ALA B 239 5.96 -22.69 50.77
C ALA B 239 7.46 -22.91 50.87
N TRP B 240 7.86 -24.04 51.46
CA TRP B 240 9.27 -24.37 51.60
C TRP B 240 9.62 -25.62 50.79
N GLY B 241 10.91 -25.79 50.52
CA GLY B 241 11.40 -26.95 49.79
C GLY B 241 11.36 -28.21 50.63
N ARG B 242 11.05 -29.34 50.00
CA ARG B 242 10.97 -30.61 50.68
C ARG B 242 11.72 -31.70 49.89
N ALA B 243 11.56 -32.95 50.29
CA ALA B 243 12.23 -34.05 49.60
C ALA B 243 11.40 -35.31 49.60
N GLY C 2 25.33 -49.19 -36.78
CA GLY C 2 24.00 -49.65 -36.42
C GLY C 2 23.04 -48.51 -36.16
N PRO C 3 21.79 -48.84 -35.79
CA PRO C 3 20.76 -47.85 -35.46
C PRO C 3 20.89 -47.40 -34.01
N HIS C 4 20.35 -46.22 -33.71
CA HIS C 4 20.39 -45.70 -32.35
C HIS C 4 19.02 -45.19 -31.91
N SER C 5 18.93 -44.76 -30.66
CA SER C 5 17.66 -44.31 -30.11
C SER C 5 17.83 -43.40 -28.90
N MET C 6 17.09 -42.30 -28.89
CA MET C 6 17.00 -41.45 -27.71
C MET C 6 15.59 -41.55 -27.15
N ARG C 7 15.48 -41.54 -25.82
CA ARG C 7 14.17 -41.72 -25.20
C ARG C 7 14.09 -40.99 -23.85
N TYR C 8 13.13 -40.08 -23.73
CA TYR C 8 12.90 -39.37 -22.47
C TYR C 8 11.67 -39.90 -21.75
N PHE C 9 11.73 -39.91 -20.41
CA PHE C 9 10.60 -40.33 -19.60
C PHE C 9 10.22 -39.24 -18.58
N GLU C 10 9.07 -38.61 -18.81
CA GLU C 10 8.58 -37.57 -17.92
C GLU C 10 7.42 -38.06 -17.07
N THR C 11 7.67 -38.24 -15.77
CA THR C 11 6.60 -38.67 -14.86
C THR C 11 6.25 -37.56 -13.88
N ALA C 12 4.98 -37.49 -13.51
CA ALA C 12 4.50 -36.48 -12.58
C ALA C 12 3.50 -37.09 -11.61
N VAL C 13 3.90 -37.19 -10.35
CA VAL C 13 3.10 -37.88 -9.34
C VAL C 13 2.54 -36.91 -8.32
N SER C 14 1.21 -36.84 -8.24
CA SER C 14 0.55 -35.91 -7.31
C SER C 14 0.58 -36.46 -5.89
N ARG C 15 1.17 -35.71 -4.97
CA ARG C 15 1.20 -36.11 -3.57
C ARG C 15 0.38 -35.09 -2.73
N PRO C 16 -0.99 -35.23 -2.69
CA PRO C 16 -1.92 -34.28 -2.03
C PRO C 16 -1.67 -34.19 -0.54
N GLY C 17 -1.75 -32.98 -0.06
CA GLY C 17 -1.47 -32.90 1.34
C GLY C 17 0.02 -32.85 1.61
N LEU C 18 0.87 -33.31 0.70
CA LEU C 18 2.30 -33.15 0.93
C LEU C 18 2.99 -32.25 -0.09
N GLY C 19 2.26 -31.36 -0.75
CA GLY C 19 2.91 -30.48 -1.69
C GLY C 19 2.48 -30.69 -3.12
N GLU C 20 2.98 -29.82 -3.99
CA GLU C 20 2.76 -29.92 -5.44
C GLU C 20 3.38 -31.21 -5.98
N PRO C 21 2.84 -31.74 -7.10
CA PRO C 21 3.30 -33.01 -7.68
C PRO C 21 4.80 -33.07 -7.97
N ARG C 22 5.37 -34.25 -7.79
CA ARG C 22 6.78 -34.48 -8.03
C ARG C 22 7.07 -34.75 -9.51
N TYR C 23 8.01 -33.98 -10.07
CA TYR C 23 8.39 -34.07 -11.48
C TYR C 23 9.77 -34.70 -11.67
N ILE C 24 9.83 -35.71 -12.53
CA ILE C 24 11.07 -36.43 -12.83
C ILE C 24 11.22 -36.62 -14.35
N SER C 25 12.40 -36.35 -14.90
CA SER C 25 12.67 -36.56 -16.32
C SER C 25 14.04 -37.22 -16.50
N VAL C 26 14.03 -38.45 -17.01
CA VAL C 26 15.27 -39.17 -17.29
C VAL C 26 15.43 -39.37 -18.81
N GLY C 27 16.67 -39.33 -19.29
CA GLY C 27 16.94 -39.48 -20.71
C GLY C 27 17.77 -40.72 -21.00
N TYR C 28 17.57 -41.31 -22.16
CA TYR C 28 18.29 -42.52 -22.53
C TYR C 28 18.89 -42.42 -23.92
N VAL C 29 20.21 -42.33 -23.99
CA VAL C 29 20.87 -42.44 -25.28
C VAL C 29 21.15 -43.92 -25.51
N ASP C 30 20.65 -44.45 -26.61
CA ASP C 30 20.63 -45.90 -26.82
C ASP C 30 19.82 -46.52 -25.69
N ASP C 31 20.52 -47.15 -24.76
CA ASP C 31 19.86 -47.65 -23.55
C ASP C 31 20.70 -47.43 -22.31
N LYS C 32 21.07 -46.17 -22.08
CA LYS C 32 21.78 -45.77 -20.87
C LYS C 32 21.19 -44.48 -20.34
N GLU C 33 20.86 -44.44 -19.06
CA GLU C 33 20.42 -43.20 -18.44
C GLU C 33 21.59 -42.23 -18.42
N PHE C 34 21.52 -41.20 -19.27
CA PHE C 34 22.64 -40.28 -19.43
C PHE C 34 22.34 -38.91 -18.83
N VAL C 35 21.09 -38.69 -18.44
CA VAL C 35 20.69 -37.40 -17.89
C VAL C 35 19.43 -37.56 -17.03
N ARG C 36 19.30 -36.72 -16.00
CA ARG C 36 18.18 -36.85 -15.07
C ARG C 36 17.85 -35.56 -14.32
N PHE C 37 16.56 -35.29 -14.16
CA PHE C 37 16.08 -34.14 -13.39
C PHE C 37 15.07 -34.59 -12.33
N ASP C 38 15.19 -34.04 -11.14
CA ASP C 38 14.25 -34.33 -10.06
C ASP C 38 13.80 -33.04 -9.40
N SER C 39 12.48 -32.88 -9.26
CA SER C 39 11.92 -31.67 -8.65
C SER C 39 12.01 -31.72 -7.12
N ASP C 40 12.23 -32.91 -6.59
CA ASP C 40 12.39 -33.09 -5.14
C ASP C 40 13.85 -33.03 -4.72
N ALA C 41 14.71 -32.64 -5.65
CA ALA C 41 16.14 -32.51 -5.36
C ALA C 41 16.41 -31.28 -4.49
N GLU C 42 17.58 -31.25 -3.87
CA GLU C 42 17.99 -30.11 -3.05
C GLU C 42 18.07 -28.85 -3.89
N ASN C 43 18.74 -28.95 -5.03
CA ASN C 43 18.80 -27.86 -6.00
C ASN C 43 18.40 -28.34 -7.40
N PRO C 44 17.10 -28.45 -7.66
CA PRO C 44 16.49 -29.02 -8.87
C PRO C 44 17.10 -28.54 -10.18
N ARG C 45 17.86 -29.42 -10.82
CA ARG C 45 18.47 -29.12 -12.11
C ARG C 45 18.79 -30.41 -12.83
N TYR C 46 19.01 -30.32 -14.15
CA TYR C 46 19.41 -31.48 -14.91
C TYR C 46 20.83 -31.88 -14.58
N GLU C 47 21.03 -33.16 -14.28
CA GLU C 47 22.33 -33.67 -13.86
C GLU C 47 22.82 -34.77 -14.80
N PRO C 48 24.11 -34.74 -15.16
CA PRO C 48 24.71 -35.79 -15.99
C PRO C 48 24.81 -37.12 -15.24
N GLN C 49 24.39 -38.20 -15.87
CA GLN C 49 24.43 -39.52 -15.25
C GLN C 49 25.55 -40.37 -15.83
N VAL C 50 26.24 -39.82 -16.83
CA VAL C 50 27.37 -40.50 -17.46
C VAL C 50 28.55 -39.54 -17.59
N PRO C 51 29.78 -40.07 -17.49
CA PRO C 51 31.01 -39.27 -17.58
C PRO C 51 31.12 -38.46 -18.87
N TRP C 52 30.64 -39.00 -19.99
CA TRP C 52 30.81 -38.35 -21.28
C TRP C 52 29.79 -37.23 -21.55
N MET C 53 28.94 -36.95 -20.57
CA MET C 53 27.98 -35.86 -20.68
C MET C 53 28.45 -34.64 -19.90
N GLU C 54 29.55 -34.79 -19.18
CA GLU C 54 30.10 -33.71 -18.38
C GLU C 54 30.78 -32.64 -19.24
N GLN C 55 31.12 -33.01 -20.47
CA GLN C 55 31.81 -32.09 -21.37
C GLN C 55 30.87 -31.03 -21.95
N GLU C 56 29.57 -31.22 -21.75
CA GLU C 56 28.59 -30.23 -22.17
C GLU C 56 28.71 -28.99 -21.31
N GLY C 57 28.46 -27.83 -21.92
CA GLY C 57 28.65 -26.56 -21.25
C GLY C 57 27.62 -26.26 -20.18
N PRO C 58 27.96 -25.34 -19.26
CA PRO C 58 27.03 -24.84 -18.25
C PRO C 58 25.91 -24.05 -18.92
N GLU C 59 26.17 -23.60 -20.13
CA GLU C 59 25.17 -22.95 -20.97
C GLU C 59 24.11 -23.98 -21.34
N TYR C 60 24.56 -25.20 -21.62
CA TYR C 60 23.68 -26.29 -22.01
C TYR C 60 22.79 -26.75 -20.86
N TRP C 61 23.40 -26.95 -19.70
CA TRP C 61 22.68 -27.47 -18.54
C TRP C 61 21.63 -26.48 -18.05
N GLU C 62 21.91 -25.19 -18.21
CA GLU C 62 20.98 -24.16 -17.76
C GLU C 62 19.76 -24.06 -18.67
N ARG C 63 19.95 -24.26 -19.97
CA ARG C 63 18.86 -24.11 -20.92
C ARG C 63 17.92 -25.32 -20.95
N ILE C 64 18.47 -26.52 -20.78
CA ILE C 64 17.63 -27.73 -20.79
C ILE C 64 16.93 -27.94 -19.45
N THR C 65 17.46 -27.30 -18.41
CA THR C 65 16.87 -27.39 -17.08
C THR C 65 15.58 -26.58 -17.01
N GLN C 66 15.62 -25.39 -17.59
CA GLN C 66 14.49 -24.45 -17.53
C GLN C 66 13.26 -25.01 -18.24
N VAL C 67 13.47 -25.88 -19.22
CA VAL C 67 12.38 -26.55 -19.91
C VAL C 67 11.63 -27.45 -18.92
N ALA C 68 12.40 -28.21 -18.14
CA ALA C 68 11.83 -29.10 -17.12
C ALA C 68 11.07 -28.28 -16.07
N LYS C 69 11.60 -27.12 -15.73
CA LYS C 69 10.94 -26.21 -14.80
C LYS C 69 9.58 -25.80 -15.38
N GLY C 70 9.53 -25.64 -16.69
CA GLY C 70 8.31 -25.32 -17.38
C GLY C 70 7.43 -26.55 -17.58
N GLN C 71 8.08 -27.69 -17.81
CA GLN C 71 7.36 -28.95 -17.94
C GLN C 71 6.70 -29.33 -16.62
N GLU C 72 7.35 -28.94 -15.52
CA GLU C 72 6.82 -29.18 -14.19
C GLU C 72 5.45 -28.51 -14.01
N GLN C 73 5.30 -27.33 -14.61
CA GLN C 73 4.06 -26.57 -14.54
C GLN C 73 3.02 -27.13 -15.51
N TRP C 74 3.49 -27.61 -16.66
CA TRP C 74 2.62 -28.17 -17.67
C TRP C 74 1.91 -29.42 -17.14
N PHE C 75 2.64 -30.23 -16.39
CA PHE C 75 2.09 -31.46 -15.83
C PHE C 75 1.09 -31.21 -14.71
N ARG C 76 1.30 -30.14 -13.96
CA ARG C 76 0.36 -29.73 -12.92
C ARG C 76 -1.02 -29.51 -13.50
N VAL C 77 -1.08 -28.68 -14.54
CA VAL C 77 -2.34 -28.31 -15.19
C VAL C 77 -3.08 -29.52 -15.74
N ASN C 78 -2.37 -30.35 -16.49
CA ASN C 78 -2.98 -31.52 -17.11
C ASN C 78 -3.37 -32.60 -16.10
N LEU C 79 -2.72 -32.59 -14.94
CA LEU C 79 -3.08 -33.51 -13.86
C LEU C 79 -4.45 -33.15 -13.27
N ARG C 80 -4.70 -31.85 -13.14
CA ARG C 80 -5.98 -31.38 -12.64
C ARG C 80 -7.08 -31.70 -13.64
N THR C 81 -6.74 -31.60 -14.93
CA THR C 81 -7.70 -31.85 -16.00
C THR C 81 -8.10 -33.32 -16.06
N LEU C 82 -7.10 -34.20 -16.07
CA LEU C 82 -7.33 -35.64 -16.10
C LEU C 82 -8.13 -36.10 -14.88
N LEU C 83 -7.91 -35.41 -13.76
CA LEU C 83 -8.63 -35.71 -12.52
C LEU C 83 -10.13 -35.52 -12.73
N GLY C 84 -10.49 -34.47 -13.46
CA GLY C 84 -11.88 -34.15 -13.74
C GLY C 84 -12.46 -35.02 -14.83
N TYR C 85 -11.62 -35.42 -15.77
CA TYR C 85 -12.05 -36.29 -16.88
C TYR C 85 -12.58 -37.62 -16.38
N TYR C 86 -11.87 -38.22 -15.42
CA TYR C 86 -12.25 -39.53 -14.91
C TYR C 86 -13.12 -39.43 -13.67
N ASN C 87 -13.61 -38.22 -13.39
CA ASN C 87 -14.44 -37.95 -12.22
C ASN C 87 -13.79 -38.42 -10.92
N GLN C 88 -12.47 -38.38 -10.88
CA GLN C 88 -11.71 -38.86 -9.75
C GLN C 88 -11.79 -37.91 -8.55
N SER C 89 -11.66 -38.47 -7.35
CA SER C 89 -11.73 -37.70 -6.13
C SER C 89 -10.42 -36.96 -5.85
N ALA C 90 -10.45 -36.09 -4.85
CA ALA C 90 -9.22 -35.50 -4.33
C ALA C 90 -8.76 -36.35 -3.15
N GLY C 91 -9.05 -37.64 -3.23
CA GLY C 91 -8.64 -38.59 -2.21
C GLY C 91 -7.91 -39.76 -2.87
N GLY C 92 -7.16 -39.44 -3.92
CA GLY C 92 -6.41 -40.44 -4.64
C GLY C 92 -5.09 -39.89 -5.15
N THR C 93 -4.07 -40.74 -5.15
CA THR C 93 -2.75 -40.36 -5.67
C THR C 93 -2.65 -40.76 -7.13
N HIS C 94 -2.22 -39.83 -7.97
CA HIS C 94 -2.21 -40.07 -9.41
C HIS C 94 -0.89 -39.74 -10.09
N THR C 95 -0.68 -40.32 -11.27
CA THR C 95 0.57 -40.17 -11.99
C THR C 95 0.33 -39.92 -13.47
N LEU C 96 0.92 -38.84 -13.99
CA LEU C 96 0.85 -38.56 -15.43
C LEU C 96 2.22 -38.81 -16.04
N GLN C 97 2.26 -39.67 -17.06
CA GLN C 97 3.52 -40.05 -17.68
C GLN C 97 3.57 -39.69 -19.16
N ARG C 98 4.69 -39.15 -19.59
CA ARG C 98 4.91 -38.81 -20.99
C ARG C 98 6.25 -39.34 -21.48
N MET C 99 6.21 -40.21 -22.48
CA MET C 99 7.45 -40.69 -23.11
C MET C 99 7.54 -40.18 -24.54
N TYR C 100 8.71 -39.70 -24.90
CA TYR C 100 8.97 -39.25 -26.27
C TYR C 100 10.42 -39.53 -26.62
N GLY C 101 10.69 -39.63 -27.91
CA GLY C 101 12.04 -39.91 -28.37
C GLY C 101 12.05 -40.28 -29.84
N CYS C 102 13.14 -40.86 -30.31
CA CYS C 102 13.28 -41.16 -31.72
C CYS C 102 14.23 -42.33 -31.98
N ASP C 103 13.85 -43.18 -32.93
CA ASP C 103 14.72 -44.24 -33.41
C ASP C 103 15.35 -43.82 -34.73
N VAL C 104 16.66 -43.95 -34.84
CA VAL C 104 17.35 -43.60 -36.07
C VAL C 104 18.05 -44.84 -36.65
N GLY C 105 18.65 -44.67 -37.82
CA GLY C 105 19.40 -45.76 -38.45
C GLY C 105 20.86 -45.40 -38.62
N SER C 106 21.59 -46.25 -39.34
CA SER C 106 23.00 -46.00 -39.60
C SER C 106 23.17 -44.78 -40.50
N ASP C 107 22.18 -44.53 -41.35
CA ASP C 107 22.18 -43.39 -42.24
C ASP C 107 22.13 -42.07 -41.48
N GLY C 108 21.55 -42.12 -40.29
CA GLY C 108 21.35 -40.93 -39.48
C GLY C 108 19.93 -40.40 -39.61
N ARG C 109 19.17 -41.03 -40.50
CA ARG C 109 17.79 -40.62 -40.72
C ARG C 109 16.86 -41.19 -39.64
N LEU C 110 15.72 -40.55 -39.47
CA LEU C 110 14.73 -41.00 -38.49
C LEU C 110 14.03 -42.28 -38.96
N LEU C 111 13.73 -43.17 -38.02
CA LEU C 111 13.00 -44.40 -38.33
C LEU C 111 11.62 -44.38 -37.69
N ARG C 112 11.52 -43.79 -36.50
CA ARG C 112 10.26 -43.74 -35.77
C ARG C 112 10.30 -42.69 -34.66
N GLY C 113 9.29 -41.82 -34.65
CA GLY C 113 9.15 -40.84 -33.59
C GLY C 113 8.16 -41.31 -32.56
N TYR C 114 8.26 -40.79 -31.34
CA TYR C 114 7.38 -41.22 -30.25
C TYR C 114 6.80 -40.06 -29.46
N GLU C 115 5.55 -40.22 -29.04
CA GLU C 115 4.90 -39.25 -28.17
C GLU C 115 3.72 -39.92 -27.48
N GLN C 116 3.98 -40.55 -26.34
CA GLN C 116 2.96 -41.34 -25.65
C GLN C 116 2.58 -40.73 -24.31
N PHE C 117 1.30 -40.78 -23.97
CA PHE C 117 0.82 -40.28 -22.70
C PHE C 117 0.12 -41.36 -21.88
N ALA C 118 0.51 -41.48 -20.61
CA ALA C 118 -0.07 -42.47 -19.73
C ALA C 118 -0.59 -41.84 -18.44
N TYR C 119 -1.76 -42.29 -18.00
CA TYR C 119 -2.34 -41.79 -16.75
C TYR C 119 -2.64 -42.95 -15.82
N ASP C 120 -2.07 -42.90 -14.62
CA ASP C 120 -2.21 -43.96 -13.61
C ASP C 120 -1.76 -45.32 -14.14
N GLY C 121 -0.74 -45.33 -14.99
CA GLY C 121 -0.16 -46.55 -15.48
C GLY C 121 -0.87 -47.17 -16.66
N CYS C 122 -1.96 -46.55 -17.09
CA CYS C 122 -2.70 -47.05 -18.25
C CYS C 122 -2.52 -46.14 -19.46
N ASP C 123 -2.63 -46.71 -20.65
CA ASP C 123 -2.50 -45.94 -21.88
C ASP C 123 -3.62 -44.92 -21.99
N TYR C 124 -3.29 -43.76 -22.56
CA TYR C 124 -4.27 -42.69 -22.75
C TYR C 124 -4.33 -42.28 -24.22
N ILE C 125 -3.32 -41.52 -24.66
CA ILE C 125 -3.23 -41.12 -26.05
C ILE C 125 -1.78 -41.29 -26.53
N ALA C 126 -1.63 -41.66 -27.80
CA ALA C 126 -0.30 -41.89 -28.36
C ALA C 126 -0.19 -41.44 -29.80
N LEU C 127 0.93 -40.79 -30.14
CA LEU C 127 1.19 -40.35 -31.49
C LEU C 127 1.54 -41.56 -32.36
N ASN C 128 0.88 -41.68 -33.50
CA ASN C 128 1.14 -42.79 -34.42
C ASN C 128 2.47 -42.66 -35.15
N GLU C 129 2.83 -43.70 -35.89
CA GLU C 129 4.10 -43.72 -36.61
C GLU C 129 4.13 -42.69 -37.74
N ASP C 130 2.95 -42.26 -38.18
CA ASP C 130 2.85 -41.25 -39.22
C ASP C 130 3.17 -39.86 -38.69
N LEU C 131 3.20 -39.75 -37.36
CA LEU C 131 3.46 -38.49 -36.66
C LEU C 131 2.43 -37.43 -37.02
N ARG C 132 1.22 -37.89 -37.35
CA ARG C 132 0.15 -37.00 -37.80
C ARG C 132 -1.20 -37.38 -37.19
N THR C 133 -1.39 -38.67 -36.90
CA THR C 133 -2.64 -39.15 -36.32
C THR C 133 -2.44 -39.68 -34.90
N TRP C 134 -3.54 -39.83 -34.17
CA TRP C 134 -3.47 -40.27 -32.77
C TRP C 134 -4.25 -41.56 -32.53
N THR C 135 -3.82 -42.29 -31.51
CA THR C 135 -4.52 -43.49 -31.07
C THR C 135 -4.99 -43.31 -29.63
N ALA C 136 -6.30 -43.15 -29.44
CA ALA C 136 -6.86 -42.93 -28.12
C ALA C 136 -7.29 -44.24 -27.47
N ALA C 137 -7.21 -44.29 -26.15
CA ALA C 137 -7.53 -45.51 -25.41
C ALA C 137 -9.00 -45.55 -24.97
N ASP C 138 -9.41 -44.55 -24.19
CA ASP C 138 -10.76 -44.52 -23.66
C ASP C 138 -11.57 -43.32 -24.14
N MET C 139 -12.70 -43.07 -23.49
CA MET C 139 -13.61 -42.00 -23.89
C MET C 139 -13.02 -40.61 -23.65
N ALA C 140 -12.38 -40.43 -22.50
CA ALA C 140 -11.80 -39.15 -22.14
C ALA C 140 -10.65 -38.80 -23.08
N ALA C 141 -9.92 -39.82 -23.52
CA ALA C 141 -8.82 -39.63 -24.45
C ALA C 141 -9.32 -39.32 -25.85
N GLN C 142 -10.50 -39.84 -26.17
CA GLN C 142 -11.13 -39.59 -27.45
C GLN C 142 -11.46 -38.11 -27.57
N ILE C 143 -11.87 -37.51 -26.45
CA ILE C 143 -12.16 -36.09 -26.39
C ILE C 143 -10.88 -35.28 -26.59
N THR C 144 -9.78 -35.78 -26.03
CA THR C 144 -8.48 -35.14 -26.16
C THR C 144 -8.00 -35.17 -27.60
N ARG C 145 -8.24 -36.29 -28.29
CA ARG C 145 -7.80 -36.43 -29.67
C ARG C 145 -8.47 -35.43 -30.61
N ARG C 146 -9.76 -35.17 -30.38
CA ARG C 146 -10.51 -34.25 -31.23
C ARG C 146 -9.93 -32.84 -31.20
N LYS C 147 -9.65 -32.35 -30.00
CA LYS C 147 -9.09 -31.01 -29.85
C LYS C 147 -7.62 -30.95 -30.27
N TRP C 148 -6.95 -32.09 -30.25
CA TRP C 148 -5.56 -32.17 -30.69
C TRP C 148 -5.46 -32.27 -32.21
N GLU C 149 -6.52 -32.77 -32.83
CA GLU C 149 -6.57 -32.86 -34.29
C GLU C 149 -7.04 -31.54 -34.89
N GLN C 150 -7.73 -30.75 -34.08
CA GLN C 150 -8.27 -29.47 -34.53
C GLN C 150 -7.21 -28.38 -34.45
N ALA C 151 -6.29 -28.52 -33.52
CA ALA C 151 -5.22 -27.54 -33.35
C ALA C 151 -3.95 -27.99 -34.07
N GLY C 152 -3.93 -29.25 -34.50
CA GLY C 152 -2.76 -29.81 -35.16
C GLY C 152 -1.61 -29.98 -34.20
N ALA C 153 -1.89 -30.58 -33.05
CA ALA C 153 -0.89 -30.79 -32.02
C ALA C 153 0.18 -31.78 -32.47
N ALA C 154 -0.19 -32.67 -33.38
CA ALA C 154 0.73 -33.67 -33.91
C ALA C 154 1.84 -33.01 -34.72
N GLU C 155 1.56 -31.82 -35.23
CA GLU C 155 2.52 -31.07 -36.03
C GLU C 155 3.55 -30.39 -35.15
N TYR C 156 3.21 -30.19 -33.88
CA TYR C 156 4.11 -29.58 -32.92
C TYR C 156 5.27 -30.52 -32.61
N TYR C 157 4.93 -31.74 -32.23
CA TYR C 157 5.94 -32.74 -31.84
C TYR C 157 6.74 -33.23 -33.03
N ARG C 158 6.11 -33.26 -34.20
CA ARG C 158 6.75 -33.77 -35.42
C ARG C 158 7.97 -32.94 -35.80
N ALA C 159 7.91 -31.64 -35.51
CA ALA C 159 9.03 -30.75 -35.76
C ALA C 159 10.23 -31.13 -34.90
N TYR C 160 9.94 -31.60 -33.69
CA TYR C 160 10.99 -32.03 -32.77
C TYR C 160 11.59 -33.36 -33.21
N LEU C 161 10.71 -34.34 -33.43
CA LEU C 161 11.13 -35.70 -33.75
C LEU C 161 11.97 -35.79 -35.03
N GLU C 162 11.54 -35.07 -36.06
CA GLU C 162 12.27 -35.05 -37.33
C GLU C 162 13.42 -34.04 -37.27
N GLY C 163 13.38 -33.17 -36.27
CA GLY C 163 14.33 -32.09 -36.15
C GLY C 163 15.48 -32.35 -35.19
N GLU C 164 15.46 -31.66 -34.06
CA GLU C 164 16.58 -31.70 -33.12
C GLU C 164 16.70 -33.02 -32.36
N CYS C 165 15.63 -33.80 -32.32
CA CYS C 165 15.67 -35.10 -31.66
C CYS C 165 16.71 -35.99 -32.33
N VAL C 166 16.74 -35.94 -33.66
CA VAL C 166 17.75 -36.65 -34.43
C VAL C 166 19.12 -35.99 -34.22
N GLU C 167 19.11 -34.67 -34.15
CA GLU C 167 20.34 -33.90 -33.97
C GLU C 167 20.93 -34.10 -32.59
N ALA C 168 20.09 -34.01 -31.56
CA ALA C 168 20.54 -34.18 -30.18
C ALA C 168 21.05 -35.61 -29.97
N LEU C 169 20.35 -36.57 -30.56
CA LEU C 169 20.78 -37.96 -30.52
C LEU C 169 22.17 -38.07 -31.13
N HIS C 170 22.32 -37.46 -32.31
CA HIS C 170 23.60 -37.47 -33.00
C HIS C 170 24.63 -36.68 -32.21
N ARG C 171 24.18 -35.66 -31.49
CA ARG C 171 25.07 -34.83 -30.68
C ARG C 171 25.66 -35.61 -29.51
N TYR C 172 24.80 -36.29 -28.76
CA TYR C 172 25.22 -37.02 -27.57
C TYR C 172 26.09 -38.21 -27.90
N LEU C 173 26.11 -38.60 -29.17
CA LEU C 173 26.90 -39.74 -29.62
C LEU C 173 28.39 -39.41 -29.76
N LYS C 174 28.79 -38.23 -29.30
CA LYS C 174 30.20 -37.85 -29.32
C LYS C 174 31.02 -38.69 -28.35
N ASN C 175 31.58 -39.78 -28.86
CA ASN C 175 32.37 -40.69 -28.04
C ASN C 175 33.63 -41.17 -28.77
N GLY C 193 12.85 -27.13 -26.75
CA GLY C 193 12.48 -27.68 -28.04
C GLY C 193 11.79 -29.01 -27.94
N GLY C 194 12.06 -29.74 -26.86
CA GLY C 194 11.47 -31.04 -26.65
C GLY C 194 10.37 -31.04 -25.60
N GLY C 195 10.01 -29.84 -25.15
CA GLY C 195 8.97 -29.70 -24.14
C GLY C 195 7.58 -29.86 -24.70
N ALA C 196 6.58 -29.67 -23.84
CA ALA C 196 5.19 -29.79 -24.24
C ALA C 196 4.64 -28.42 -24.66
N PRO C 197 3.73 -28.41 -25.64
CA PRO C 197 3.20 -27.15 -26.18
C PRO C 197 2.33 -26.42 -25.16
N TRP C 198 2.34 -25.09 -25.21
CA TRP C 198 1.54 -24.29 -24.29
C TRP C 198 0.32 -23.65 -24.96
N ASN C 199 -0.08 -24.24 -26.09
CA ASN C 199 -1.37 -23.93 -26.69
C ASN C 199 -2.42 -24.71 -25.93
N PRO C 200 -3.44 -24.01 -25.39
CA PRO C 200 -4.50 -24.62 -24.59
C PRO C 200 -5.17 -25.81 -25.27
N ALA C 201 -5.39 -25.70 -26.58
CA ALA C 201 -6.03 -26.76 -27.34
C ALA C 201 -5.10 -27.96 -27.53
N MET C 202 -3.80 -27.75 -27.32
CA MET C 202 -2.83 -28.82 -27.45
C MET C 202 -2.59 -29.54 -26.13
N MET C 203 -3.35 -29.17 -25.10
CA MET C 203 -3.27 -29.83 -23.81
C MET C 203 -4.37 -30.88 -23.69
N ILE C 204 -4.26 -31.73 -22.67
CA ILE C 204 -5.24 -32.79 -22.46
C ILE C 204 -6.63 -32.22 -22.17
N SER D 6 9.81 -17.12 -32.88
CA SER D 6 9.86 -15.67 -33.11
C SER D 6 8.47 -15.11 -33.44
N VAL D 7 8.31 -13.82 -33.18
CA VAL D 7 7.12 -13.08 -33.59
C VAL D 7 7.57 -11.78 -34.27
N THR D 8 7.05 -11.52 -35.46
CA THR D 8 7.54 -10.38 -36.24
C THR D 8 6.42 -9.45 -36.68
N GLN D 9 6.53 -8.17 -36.33
CA GLN D 9 5.66 -7.15 -36.88
C GLN D 9 6.44 -6.37 -37.93
N PRO D 10 6.26 -6.72 -39.21
CA PRO D 10 7.03 -6.16 -40.32
C PRO D 10 6.77 -4.67 -40.54
N ASP D 11 5.89 -4.08 -39.74
CA ASP D 11 5.64 -2.65 -39.79
C ASP D 11 5.88 -2.01 -38.43
N ALA D 12 6.87 -1.12 -38.37
CA ALA D 12 7.14 -0.38 -37.16
C ALA D 12 6.22 0.83 -37.10
N ARG D 13 5.80 1.30 -38.27
CA ARG D 13 4.97 2.48 -38.37
C ARG D 13 3.98 2.36 -39.52
N VAL D 14 2.74 2.79 -39.29
CA VAL D 14 1.71 2.78 -40.31
C VAL D 14 0.93 4.08 -40.31
N THR D 15 0.86 4.74 -41.47
CA THR D 15 0.13 6.00 -41.60
C THR D 15 -1.06 5.83 -42.52
N VAL D 16 -2.25 6.13 -42.01
CA VAL D 16 -3.48 5.97 -42.79
C VAL D 16 -4.40 7.18 -42.71
N SER D 17 -5.14 7.42 -43.79
CA SER D 17 -6.16 8.46 -43.80
C SER D 17 -7.36 7.98 -42.99
N GLU D 18 -8.05 8.92 -42.35
CA GLU D 18 -9.18 8.55 -41.50
C GLU D 18 -10.34 8.01 -42.34
N GLY D 19 -10.99 6.96 -41.82
CA GLY D 19 -12.11 6.34 -42.51
C GLY D 19 -11.68 5.21 -43.43
N ALA D 20 -10.37 5.16 -43.72
CA ALA D 20 -9.83 4.14 -44.60
C ALA D 20 -9.66 2.80 -43.87
N SER D 21 -8.95 1.88 -44.50
CA SER D 21 -8.73 0.56 -43.94
C SER D 21 -7.39 0.48 -43.20
N LEU D 22 -7.33 -0.38 -42.19
CA LEU D 22 -6.10 -0.57 -41.43
C LEU D 22 -5.76 -2.05 -41.30
N GLN D 23 -4.55 -2.41 -41.73
CA GLN D 23 -4.09 -3.79 -41.64
C GLN D 23 -2.80 -3.89 -40.85
N LEU D 24 -2.89 -4.40 -39.63
CA LEU D 24 -1.73 -4.61 -38.78
C LEU D 24 -1.21 -6.03 -38.97
N ARG D 25 0.04 -6.15 -39.42
CA ARG D 25 0.60 -7.45 -39.78
C ARG D 25 1.37 -8.12 -38.66
N CYS D 26 1.28 -9.45 -38.60
CA CYS D 26 1.94 -10.24 -37.57
C CYS D 26 2.32 -11.62 -38.11
N LYS D 27 3.62 -11.90 -38.18
CA LYS D 27 4.12 -13.19 -38.61
C LYS D 27 4.78 -13.93 -37.46
N TYR D 28 4.68 -15.26 -37.47
CA TYR D 28 5.34 -16.06 -36.44
C TYR D 28 6.17 -17.18 -37.07
N SER D 29 7.27 -17.54 -36.41
CA SER D 29 8.14 -18.60 -36.87
C SER D 29 7.98 -19.86 -36.02
N TYR D 30 6.90 -20.59 -36.25
CA TYR D 30 6.63 -21.83 -35.54
C TYR D 30 6.13 -22.91 -36.49
N SER D 31 6.37 -24.16 -36.12
CA SER D 31 5.97 -25.29 -36.95
C SER D 31 4.52 -25.71 -36.65
N ALA D 32 3.94 -25.11 -35.62
CA ALA D 32 2.58 -25.42 -35.24
C ALA D 32 1.84 -24.18 -34.78
N THR D 33 0.53 -24.29 -34.59
CA THR D 33 -0.29 -23.16 -34.18
C THR D 33 -0.01 -22.76 -32.73
N PRO D 34 0.50 -21.54 -32.54
CA PRO D 34 0.82 -21.04 -31.20
C PRO D 34 -0.32 -20.22 -30.61
N TYR D 35 -0.17 -19.80 -29.35
CA TYR D 35 -1.12 -18.89 -28.73
C TYR D 35 -0.86 -17.48 -29.26
N LEU D 36 -1.87 -16.87 -29.84
CA LEU D 36 -1.72 -15.56 -30.47
C LEU D 36 -2.49 -14.47 -29.72
N PHE D 37 -1.91 -13.29 -29.63
CA PHE D 37 -2.53 -12.17 -28.92
C PHE D 37 -2.37 -10.86 -29.68
N TRP D 38 -3.29 -9.93 -29.45
CA TRP D 38 -3.14 -8.56 -29.93
C TRP D 38 -3.35 -7.58 -28.79
N TYR D 39 -2.35 -6.74 -28.55
CA TYR D 39 -2.45 -5.71 -27.52
C TYR D 39 -2.37 -4.33 -28.15
N VAL D 40 -3.07 -3.37 -27.55
CA VAL D 40 -3.02 -1.99 -28.01
C VAL D 40 -2.47 -1.08 -26.90
N GLN D 41 -1.54 -0.22 -27.26
CA GLN D 41 -1.02 0.75 -26.31
C GLN D 41 -1.31 2.17 -26.76
N TYR D 42 -2.43 2.71 -26.28
CA TYR D 42 -2.80 4.09 -26.55
C TYR D 42 -1.74 5.02 -25.94
N PRO D 43 -1.53 6.21 -26.55
CA PRO D 43 -0.49 7.15 -26.09
C PRO D 43 -0.52 7.43 -24.59
N ARG D 44 0.61 7.21 -23.93
CA ARG D 44 0.74 7.39 -22.49
C ARG D 44 -0.27 6.53 -21.72
N GLN D 45 -0.14 5.21 -21.85
CA GLN D 45 -1.09 4.29 -21.24
C GLN D 45 -0.51 2.88 -21.14
N GLY D 46 -1.21 2.01 -20.42
CA GLY D 46 -0.79 0.63 -20.29
C GLY D 46 -1.21 -0.19 -21.48
N LEU D 47 -1.03 -1.51 -21.39
CA LEU D 47 -1.40 -2.39 -22.49
C LEU D 47 -2.73 -3.10 -22.23
N GLN D 48 -3.62 -3.03 -23.22
CA GLN D 48 -4.93 -3.65 -23.12
C GLN D 48 -5.08 -4.74 -24.18
N LEU D 49 -5.66 -5.87 -23.79
CA LEU D 49 -5.90 -6.97 -24.71
C LEU D 49 -6.94 -6.59 -25.75
N LEU D 50 -6.65 -6.85 -27.01
CA LEU D 50 -7.59 -6.56 -28.09
C LEU D 50 -8.35 -7.82 -28.45
N LEU D 51 -7.63 -8.90 -28.71
CA LEU D 51 -8.21 -10.21 -28.98
C LEU D 51 -7.15 -11.30 -28.89
N LYS D 52 -7.56 -12.54 -29.11
CA LYS D 52 -6.63 -13.67 -29.06
C LYS D 52 -7.15 -14.89 -29.81
N TYR D 53 -6.28 -15.87 -30.02
CA TYR D 53 -6.66 -17.09 -30.72
C TYR D 53 -5.70 -18.23 -30.42
N TYR D 54 -6.24 -19.44 -30.27
CA TYR D 54 -5.42 -20.64 -30.15
C TYR D 54 -5.99 -21.81 -30.93
N SER D 55 -7.30 -21.79 -31.15
CA SER D 55 -7.97 -22.82 -31.93
C SER D 55 -9.37 -22.41 -32.36
N GLY D 56 -9.96 -23.16 -33.28
CA GLY D 56 -11.31 -22.91 -33.73
C GLY D 56 -11.39 -21.95 -34.90
N ASP D 57 -12.36 -21.04 -34.83
CA ASP D 57 -12.59 -20.06 -35.88
C ASP D 57 -11.37 -19.15 -36.07
N PRO D 58 -10.74 -19.21 -37.25
CA PRO D 58 -9.56 -18.39 -37.55
C PRO D 58 -9.89 -16.89 -37.60
N VAL D 59 -11.15 -16.57 -37.87
CA VAL D 59 -11.59 -15.18 -37.87
C VAL D 59 -12.21 -14.83 -36.52
N VAL D 60 -11.47 -14.08 -35.71
CA VAL D 60 -11.95 -13.72 -34.37
C VAL D 60 -12.40 -12.27 -34.31
N GLN D 61 -13.37 -11.99 -33.44
CA GLN D 61 -13.87 -10.64 -33.25
C GLN D 61 -13.26 -10.02 -32.00
N GLY D 62 -13.05 -8.72 -32.03
CA GLY D 62 -12.46 -8.01 -30.91
C GLY D 62 -13.16 -6.70 -30.63
N VAL D 63 -12.70 -6.01 -29.58
CA VAL D 63 -13.27 -4.72 -29.21
C VAL D 63 -12.92 -3.66 -30.24
N ASN D 64 -13.63 -2.53 -30.17
CA ASN D 64 -13.39 -1.39 -31.05
C ASN D 64 -13.54 -1.69 -32.55
N GLY D 65 -14.32 -2.72 -32.87
CA GLY D 65 -14.57 -3.08 -34.25
C GLY D 65 -13.38 -3.70 -34.95
N PHE D 66 -12.50 -4.32 -34.17
CA PHE D 66 -11.33 -5.01 -34.73
C PHE D 66 -11.60 -6.50 -34.89
N GLU D 67 -11.21 -7.04 -36.03
CA GLU D 67 -11.26 -8.49 -36.23
C GLU D 67 -9.93 -8.99 -36.79
N ALA D 68 -9.51 -10.17 -36.33
CA ALA D 68 -8.25 -10.74 -36.77
C ALA D 68 -8.48 -12.04 -37.54
N GLU D 69 -7.59 -12.31 -38.49
CA GLU D 69 -7.71 -13.51 -39.32
C GLU D 69 -6.48 -14.39 -39.14
N PHE D 70 -6.72 -15.64 -38.75
CA PHE D 70 -5.62 -16.60 -38.61
C PHE D 70 -5.40 -17.37 -39.91
N SER D 71 -4.14 -17.47 -40.31
CA SER D 71 -3.78 -18.23 -41.49
C SER D 71 -2.62 -19.17 -41.18
N LYS D 72 -2.94 -20.45 -41.01
CA LYS D 72 -1.93 -21.46 -40.68
C LYS D 72 -0.95 -21.65 -41.83
N SER D 73 -1.45 -21.52 -43.06
CA SER D 73 -0.62 -21.68 -44.24
C SER D 73 0.35 -20.52 -44.41
N ASN D 74 -0.18 -19.30 -44.38
CA ASN D 74 0.65 -18.09 -44.47
C ASN D 74 1.39 -17.81 -43.17
N SER D 75 1.04 -18.55 -42.11
CA SER D 75 1.65 -18.39 -40.79
C SER D 75 1.56 -16.95 -40.28
N SER D 76 0.37 -16.37 -40.38
CA SER D 76 0.18 -14.99 -39.98
C SER D 76 -1.07 -14.80 -39.12
N PHE D 77 -1.11 -13.68 -38.40
CA PHE D 77 -2.26 -13.35 -37.56
C PHE D 77 -2.59 -11.88 -37.73
N HIS D 78 -3.01 -11.51 -38.94
CA HIS D 78 -3.29 -10.12 -39.27
C HIS D 78 -4.50 -9.56 -38.54
N LEU D 79 -4.37 -8.32 -38.07
CA LEU D 79 -5.48 -7.60 -37.47
C LEU D 79 -5.99 -6.53 -38.43
N ARG D 80 -7.28 -6.56 -38.72
CA ARG D 80 -7.86 -5.66 -39.71
C ARG D 80 -9.04 -4.86 -39.17
N LYS D 81 -9.26 -3.68 -39.73
CA LYS D 81 -10.41 -2.85 -39.39
C LYS D 81 -10.89 -2.11 -40.63
N ALA D 82 -12.19 -2.22 -40.92
CA ALA D 82 -12.77 -1.65 -42.14
C ALA D 82 -12.62 -0.13 -42.22
N SER D 83 -13.13 0.56 -41.21
CA SER D 83 -13.06 2.01 -41.18
C SER D 83 -12.30 2.51 -39.95
N VAL D 84 -11.09 3.02 -40.18
CA VAL D 84 -10.25 3.48 -39.08
C VAL D 84 -10.70 4.86 -38.59
N HIS D 85 -10.71 5.02 -37.27
CA HIS D 85 -11.02 6.30 -36.65
C HIS D 85 -9.76 6.95 -36.11
N TRP D 86 -9.80 8.26 -35.92
CA TRP D 86 -8.64 9.01 -35.46
C TRP D 86 -8.22 8.61 -34.04
N SER D 87 -9.18 8.10 -33.27
CA SER D 87 -8.91 7.67 -31.90
C SER D 87 -8.12 6.37 -31.87
N ASP D 88 -8.05 5.68 -33.00
CA ASP D 88 -7.34 4.41 -33.09
C ASP D 88 -5.83 4.60 -33.19
N SER D 89 -5.39 5.85 -33.23
CA SER D 89 -3.97 6.16 -33.29
C SER D 89 -3.25 5.68 -32.03
N ALA D 90 -2.52 4.58 -32.16
CA ALA D 90 -1.79 4.01 -31.03
C ALA D 90 -0.72 3.03 -31.51
N VAL D 91 -0.12 2.31 -30.56
CA VAL D 91 0.85 1.28 -30.88
C VAL D 91 0.27 -0.10 -30.59
N TYR D 92 0.34 -0.99 -31.57
CA TYR D 92 -0.28 -2.30 -31.46
C TYR D 92 0.78 -3.40 -31.36
N PHE D 93 0.66 -4.24 -30.33
CA PHE D 93 1.63 -5.31 -30.10
C PHE D 93 1.05 -6.69 -30.36
N CYS D 94 1.80 -7.50 -31.09
CA CYS D 94 1.42 -8.89 -31.34
C CYS D 94 2.27 -9.84 -30.49
N ALA D 95 1.63 -10.57 -29.58
CA ALA D 95 2.34 -11.47 -28.69
C ALA D 95 2.19 -12.93 -29.11
N VAL D 96 3.00 -13.81 -28.51
CA VAL D 96 2.96 -15.22 -28.86
C VAL D 96 3.41 -16.10 -27.68
N SER D 97 2.82 -17.29 -27.58
CA SER D 97 3.18 -18.23 -26.52
C SER D 97 3.01 -19.66 -27.00
N LEU D 98 4.07 -20.46 -26.88
CA LEU D 98 4.02 -21.84 -27.34
C LEU D 98 4.95 -22.77 -26.55
N HIS D 99 6.23 -22.43 -26.51
CA HIS D 99 7.22 -23.25 -25.82
C HIS D 99 7.22 -23.01 -24.32
N ARG D 100 6.76 -21.83 -23.91
CA ARG D 100 6.78 -21.44 -22.50
C ARG D 100 5.50 -20.71 -22.13
N PRO D 101 5.09 -20.80 -20.86
CA PRO D 101 3.92 -20.05 -20.38
C PRO D 101 4.25 -18.59 -20.16
N ALA D 102 4.80 -17.94 -21.18
CA ALA D 102 5.14 -16.53 -21.13
C ALA D 102 5.00 -15.90 -22.52
N LEU D 103 4.67 -14.62 -22.56
CA LEU D 103 4.41 -13.94 -23.83
C LEU D 103 5.63 -13.23 -24.41
N THR D 104 6.04 -13.65 -25.60
CA THR D 104 7.08 -12.96 -26.35
C THR D 104 6.43 -11.99 -27.32
N PHE D 105 6.84 -10.72 -27.26
CA PHE D 105 6.18 -9.68 -28.04
C PHE D 105 6.90 -9.32 -29.34
N GLY D 106 6.17 -8.67 -30.24
CA GLY D 106 6.74 -8.13 -31.45
C GLY D 106 7.36 -6.78 -31.16
N SER D 107 7.88 -6.12 -32.18
CA SER D 107 8.55 -4.84 -32.00
C SER D 107 7.56 -3.68 -31.98
N GLY D 108 6.27 -4.00 -32.07
CA GLY D 108 5.23 -2.99 -32.01
C GLY D 108 5.02 -2.26 -33.32
N THR D 109 3.79 -1.79 -33.55
CA THR D 109 3.45 -1.06 -34.75
C THR D 109 2.74 0.25 -34.43
N LYS D 110 3.39 1.36 -34.75
CA LYS D 110 2.80 2.67 -34.55
C LYS D 110 1.76 2.96 -35.64
N VAL D 111 0.60 3.44 -35.22
CA VAL D 111 -0.47 3.78 -36.16
C VAL D 111 -0.83 5.25 -36.05
N ILE D 112 -0.63 5.98 -37.15
CA ILE D 112 -0.99 7.39 -37.21
C ILE D 112 -2.16 7.60 -38.15
N VAL D 113 -3.29 8.04 -37.59
CA VAL D 113 -4.47 8.29 -38.39
C VAL D 113 -4.57 9.77 -38.75
N LEU D 114 -4.35 10.09 -40.02
CA LEU D 114 -4.45 11.46 -40.50
C LEU D 114 -5.91 11.83 -40.74
N PRO D 115 -6.37 12.91 -40.09
CA PRO D 115 -7.78 13.32 -40.10
C PRO D 115 -8.23 13.89 -41.44
N ASN D 116 -9.51 13.71 -41.77
CA ASN D 116 -10.10 14.31 -42.96
C ASN D 116 -10.35 15.79 -42.73
N ILE D 117 -9.47 16.63 -43.25
CA ILE D 117 -9.58 18.08 -43.07
C ILE D 117 -10.73 18.66 -43.88
N GLN D 118 -11.69 19.26 -43.17
CA GLN D 118 -12.88 19.84 -43.79
C GLN D 118 -12.50 20.97 -44.75
N ASN D 119 -11.99 22.06 -44.20
CA ASN D 119 -11.53 23.19 -45.01
C ASN D 119 -10.14 23.65 -44.59
N PRO D 120 -9.11 23.22 -45.35
CA PRO D 120 -7.72 23.60 -45.08
C PRO D 120 -7.53 25.10 -45.19
N ASP D 121 -7.03 25.72 -44.12
CA ASP D 121 -6.86 27.16 -44.06
C ASP D 121 -5.44 27.49 -43.62
N PRO D 122 -4.44 27.21 -44.48
CA PRO D 122 -3.03 27.38 -44.12
C PRO D 122 -2.69 28.79 -43.67
N ALA D 123 -2.15 28.91 -42.46
CA ALA D 123 -1.82 30.22 -41.90
C ALA D 123 -0.73 30.12 -40.85
N VAL D 124 0.11 31.14 -40.78
CA VAL D 124 1.17 31.20 -39.78
C VAL D 124 1.01 32.43 -38.90
N TYR D 125 0.61 32.21 -37.64
CA TYR D 125 0.35 33.32 -36.74
C TYR D 125 1.50 33.57 -35.77
N GLN D 126 1.40 34.65 -35.00
CA GLN D 126 2.42 34.98 -34.01
C GLN D 126 1.80 35.21 -32.64
N LEU D 127 2.40 34.61 -31.62
CA LEU D 127 1.86 34.67 -30.27
C LEU D 127 2.81 35.38 -29.31
N ARG D 128 2.25 35.93 -28.23
CA ARG D 128 3.01 36.75 -27.30
C ARG D 128 2.95 36.20 -25.89
N ASP D 129 4.03 36.38 -25.14
CA ASP D 129 4.09 35.92 -23.76
C ASP D 129 3.06 36.66 -22.90
N SER D 130 2.49 35.95 -21.93
CA SER D 130 1.47 36.53 -21.07
C SER D 130 2.10 37.45 -20.02
N LYS D 131 3.31 37.13 -19.60
CA LYS D 131 4.00 37.90 -18.57
C LYS D 131 4.97 38.93 -19.15
N SER D 132 5.81 38.50 -20.08
CA SER D 132 6.87 39.34 -20.62
C SER D 132 6.48 40.05 -21.90
N SER D 133 7.48 40.49 -22.65
CA SER D 133 7.26 41.27 -23.86
C SER D 133 8.07 40.72 -25.03
N ASP D 134 9.38 40.68 -24.85
CA ASP D 134 10.31 40.30 -25.90
C ASP D 134 10.11 38.86 -26.40
N LYS D 135 9.72 37.97 -25.48
CA LYS D 135 9.55 36.56 -25.82
C LYS D 135 8.28 36.33 -26.64
N SER D 136 8.39 35.53 -27.69
CA SER D 136 7.25 35.24 -28.56
C SER D 136 7.36 33.85 -29.20
N VAL D 137 6.27 33.40 -29.80
CA VAL D 137 6.21 32.08 -30.44
C VAL D 137 5.36 32.12 -31.71
N CYS D 138 5.90 31.55 -32.81
CA CYS D 138 5.18 31.47 -34.07
C CYS D 138 4.44 30.13 -34.20
N LEU D 139 3.23 30.18 -34.76
CA LEU D 139 2.38 29.00 -34.87
C LEU D 139 1.87 28.76 -36.29
N PHE D 140 2.17 27.57 -36.81
CA PHE D 140 1.62 27.12 -38.08
C PHE D 140 0.44 26.20 -37.79
N THR D 141 -0.69 26.45 -38.43
CA THR D 141 -1.89 25.67 -38.14
C THR D 141 -2.92 25.65 -39.27
N ASP D 142 -4.01 24.92 -39.03
CA ASP D 142 -5.15 24.84 -39.96
C ASP D 142 -4.78 24.36 -41.36
N PHE D 143 -3.80 23.48 -41.46
CA PHE D 143 -3.39 22.97 -42.76
C PHE D 143 -3.85 21.53 -43.03
N ASP D 144 -3.62 21.08 -44.26
CA ASP D 144 -4.06 19.76 -44.71
C ASP D 144 -3.29 18.64 -44.03
N SER D 145 -3.91 17.46 -43.93
CA SER D 145 -3.29 16.30 -43.28
C SER D 145 -2.10 15.74 -44.05
N GLN D 146 -2.21 15.71 -45.38
CA GLN D 146 -1.14 15.16 -46.22
C GLN D 146 0.11 16.03 -46.20
N THR D 147 -0.01 17.24 -45.66
CA THR D 147 1.13 18.14 -45.52
C THR D 147 2.05 17.65 -44.40
N ASN D 148 3.36 17.71 -44.65
CA ASN D 148 4.35 17.37 -43.63
C ASN D 148 5.05 18.62 -43.10
N VAL D 149 5.79 18.46 -42.01
CA VAL D 149 6.50 19.59 -41.39
C VAL D 149 8.00 19.30 -41.26
N SER D 150 8.81 20.15 -41.90
CA SER D 150 10.26 20.02 -41.82
C SER D 150 10.82 20.94 -40.74
N GLN D 151 11.80 20.43 -39.99
CA GLN D 151 12.41 21.21 -38.92
C GLN D 151 13.52 22.11 -39.45
N SER D 152 13.64 23.31 -38.90
CA SER D 152 14.64 24.28 -39.33
C SER D 152 16.05 23.73 -39.11
N LYS D 153 16.95 24.08 -40.03
CA LYS D 153 18.32 23.59 -39.99
C LYS D 153 19.14 24.31 -38.93
N ASP D 154 18.62 25.43 -38.43
CA ASP D 154 19.30 26.21 -37.41
C ASP D 154 19.37 25.44 -36.10
N SER D 155 20.46 25.66 -35.36
CA SER D 155 20.70 24.94 -34.12
C SER D 155 19.93 25.52 -32.93
N ASP D 156 19.83 26.84 -32.89
CA ASP D 156 19.14 27.52 -31.80
C ASP D 156 17.71 27.92 -32.15
N VAL D 157 17.21 27.40 -33.26
CA VAL D 157 15.82 27.61 -33.65
C VAL D 157 15.04 26.30 -33.55
N TYR D 158 14.05 26.28 -32.67
CA TYR D 158 13.31 25.06 -32.38
C TYR D 158 11.99 25.01 -33.14
N ILE D 159 11.71 23.86 -33.74
CA ILE D 159 10.43 23.65 -34.42
C ILE D 159 9.85 22.29 -34.03
N THR D 160 8.63 22.29 -33.51
CA THR D 160 7.97 21.06 -33.12
C THR D 160 7.41 20.33 -34.33
N ASP D 161 6.81 19.17 -34.10
CA ASP D 161 6.26 18.37 -35.18
C ASP D 161 4.77 18.63 -35.35
N LYS D 162 4.18 17.99 -36.36
CA LYS D 162 2.76 18.09 -36.64
C LYS D 162 1.95 17.60 -35.45
N CYS D 163 0.95 18.38 -35.07
CA CYS D 163 0.12 18.02 -33.94
C CYS D 163 -1.36 18.22 -34.25
N VAL D 164 -2.16 17.19 -34.01
CA VAL D 164 -3.59 17.24 -34.31
C VAL D 164 -4.45 17.38 -33.05
N LEU D 165 -5.29 18.41 -33.04
CA LEU D 165 -6.26 18.61 -31.96
C LEU D 165 -7.69 18.45 -32.47
N ASP D 166 -8.60 18.11 -31.57
CA ASP D 166 -10.01 17.94 -31.92
C ASP D 166 -10.92 18.69 -30.97
N MET D 167 -11.57 19.74 -31.47
CA MET D 167 -12.60 20.44 -30.71
C MET D 167 -13.86 19.59 -30.74
N ARG D 168 -13.98 18.72 -29.75
CA ARG D 168 -15.08 17.75 -29.66
C ARG D 168 -16.46 18.41 -29.70
N SER D 169 -16.55 19.61 -29.13
CA SER D 169 -17.82 20.32 -29.07
C SER D 169 -18.35 20.72 -30.44
N MET D 170 -17.44 21.17 -31.31
CA MET D 170 -17.82 21.71 -32.61
C MET D 170 -17.59 20.74 -33.76
N ASP D 171 -17.20 19.51 -33.44
CA ASP D 171 -16.90 18.50 -34.47
C ASP D 171 -15.84 19.05 -35.42
N PHE D 172 -14.77 19.58 -34.86
CA PHE D 172 -13.72 20.22 -35.66
C PHE D 172 -12.33 19.75 -35.25
N LYS D 173 -11.59 19.18 -36.20
CA LYS D 173 -10.22 18.79 -35.98
C LYS D 173 -9.29 19.65 -36.82
N SER D 174 -8.07 19.88 -36.33
CA SER D 174 -7.12 20.72 -37.04
C SER D 174 -5.68 20.34 -36.74
N ASN D 175 -4.78 20.69 -37.66
CA ASN D 175 -3.35 20.47 -37.47
C ASN D 175 -2.66 21.72 -36.94
N SER D 176 -1.47 21.55 -36.39
CA SER D 176 -0.74 22.67 -35.80
C SER D 176 0.73 22.35 -35.50
N ALA D 177 1.57 23.37 -35.58
CA ALA D 177 2.99 23.24 -35.27
C ALA D 177 3.54 24.53 -34.66
N VAL D 178 4.56 24.42 -33.83
CA VAL D 178 5.09 25.56 -33.09
C VAL D 178 6.60 25.76 -33.26
N ALA D 179 7.01 27.00 -33.48
CA ALA D 179 8.43 27.35 -33.61
C ALA D 179 8.79 28.53 -32.70
N TRP D 180 10.00 28.51 -32.16
CA TRP D 180 10.49 29.59 -31.30
C TRP D 180 12.01 29.57 -31.20
N SER D 181 12.59 30.73 -30.87
CA SER D 181 14.04 30.85 -30.73
C SER D 181 14.43 32.11 -29.97
N ASN D 182 15.71 32.21 -29.60
CA ASN D 182 16.23 33.39 -28.93
C ASN D 182 17.21 34.13 -29.83
N LYS D 183 17.42 33.59 -31.03
CA LYS D 183 18.45 34.11 -31.93
C LYS D 183 18.11 35.50 -32.46
N SER D 184 19.08 36.12 -33.15
CA SER D 184 18.98 37.49 -33.62
C SER D 184 17.74 37.74 -34.47
N ASP D 185 17.60 36.99 -35.56
CA ASP D 185 16.43 37.11 -36.42
C ASP D 185 15.29 36.21 -35.92
N PHE D 186 14.22 36.86 -35.47
CA PHE D 186 13.10 36.16 -34.83
C PHE D 186 11.78 36.54 -35.49
N ALA D 187 11.57 36.10 -36.73
CA ALA D 187 10.35 36.41 -37.47
C ALA D 187 9.68 35.14 -38.01
N CYS D 188 8.38 35.23 -38.27
CA CYS D 188 7.61 34.09 -38.76
C CYS D 188 7.71 33.92 -40.27
N ALA D 189 8.67 34.59 -40.89
CA ALA D 189 8.90 34.47 -42.32
C ALA D 189 9.87 33.32 -42.61
N ASN D 190 11.04 33.37 -41.99
CA ASN D 190 12.03 32.31 -42.13
C ASN D 190 11.85 31.21 -41.10
N ALA D 191 10.65 31.10 -40.55
CA ALA D 191 10.35 30.09 -39.54
C ALA D 191 10.17 28.71 -40.18
N PHE D 192 9.08 28.53 -40.92
CA PHE D 192 8.79 27.26 -41.57
C PHE D 192 9.09 27.34 -43.07
N ASN D 193 9.97 28.27 -43.43
CA ASN D 193 10.28 28.57 -44.84
C ASN D 193 10.64 27.34 -45.68
N ASN D 194 11.28 26.36 -45.05
CA ASN D 194 11.73 25.16 -45.75
C ASN D 194 10.76 23.99 -45.64
N SER D 195 9.54 24.18 -46.13
CA SER D 195 8.54 23.10 -46.10
C SER D 195 7.61 23.12 -47.31
N ILE D 196 6.68 22.16 -47.34
CA ILE D 196 5.71 22.07 -48.43
C ILE D 196 4.50 22.96 -48.16
N ILE D 197 4.74 24.08 -47.49
CA ILE D 197 3.68 25.03 -47.17
C ILE D 197 2.99 25.57 -48.42
N PRO D 198 1.65 25.55 -48.44
CA PRO D 198 0.85 25.99 -49.59
C PRO D 198 1.11 27.44 -49.97
N GLU D 199 0.79 27.79 -51.21
CA GLU D 199 0.98 29.16 -51.69
C GLU D 199 -0.22 30.02 -51.32
N ASP D 200 -1.28 29.37 -50.85
CA ASP D 200 -2.48 30.07 -50.41
C ASP D 200 -2.46 30.29 -48.89
N THR D 201 -1.26 30.34 -48.34
CA THR D 201 -1.08 30.51 -46.89
C THR D 201 -1.38 31.95 -46.47
N PHE D 202 -2.10 32.11 -45.37
CA PHE D 202 -2.42 33.44 -44.85
C PHE D 202 -1.31 33.98 -43.96
N PHE D 203 -1.11 35.29 -43.99
CA PHE D 203 -0.06 35.94 -43.21
C PHE D 203 -0.52 37.26 -42.60
N PRO D 204 -0.28 37.44 -41.29
CA PRO D 204 -0.57 38.69 -40.60
C PRO D 204 0.46 39.75 -40.95
N ALA E 6 -6.22 -1.40 -13.85
CA ALA E 6 -6.17 -2.86 -13.79
C ALA E 6 -6.02 -3.35 -12.36
N ALA E 7 -5.85 -4.65 -12.20
CA ALA E 7 -5.65 -5.24 -10.87
C ALA E 7 -4.16 -5.31 -10.55
N VAL E 8 -3.36 -4.58 -11.31
CA VAL E 8 -1.91 -4.56 -11.12
C VAL E 8 -1.41 -3.15 -10.88
N THR E 9 -0.72 -2.95 -9.75
CA THR E 9 -0.16 -1.65 -9.42
C THR E 9 1.35 -1.73 -9.22
N GLN E 10 2.05 -0.71 -9.70
CA GLN E 10 3.51 -0.68 -9.62
C GLN E 10 4.00 0.51 -8.79
N SER E 11 5.10 0.30 -8.06
CA SER E 11 5.69 1.37 -7.26
C SER E 11 7.22 1.29 -7.30
N PRO E 12 7.88 2.40 -7.63
CA PRO E 12 7.24 3.69 -7.97
C PRO E 12 6.74 3.71 -9.41
N ARG E 13 6.27 4.87 -9.86
CA ARG E 13 5.83 5.02 -11.24
C ARG E 13 6.79 5.94 -11.98
N ASN E 14 7.51 6.76 -11.22
CA ASN E 14 8.58 7.59 -11.75
C ASN E 14 9.78 7.57 -10.81
N LYS E 15 10.97 7.36 -11.37
CA LYS E 15 12.18 7.26 -10.55
C LYS E 15 13.40 7.78 -11.29
N VAL E 16 14.12 8.71 -10.65
CA VAL E 16 15.38 9.22 -11.19
C VAL E 16 16.54 8.70 -10.34
N ALA E 17 17.36 7.84 -10.93
CA ALA E 17 18.47 7.22 -10.21
C ALA E 17 19.81 7.60 -10.81
N VAL E 18 20.89 7.14 -10.16
CA VAL E 18 22.24 7.39 -10.64
C VAL E 18 23.02 6.10 -10.80
N THR E 19 24.04 6.14 -11.65
CA THR E 19 24.85 4.96 -11.95
C THR E 19 25.54 4.42 -10.71
N GLY E 20 25.16 3.22 -10.30
CA GLY E 20 25.70 2.60 -9.10
C GLY E 20 24.67 2.53 -7.99
N GLY E 21 23.55 3.23 -8.19
CA GLY E 21 22.48 3.25 -7.21
C GLY E 21 21.66 1.97 -7.23
N LYS E 22 20.90 1.74 -6.16
CA LYS E 22 20.05 0.57 -6.05
C LYS E 22 18.58 0.92 -6.30
N VAL E 23 17.98 0.27 -7.28
CA VAL E 23 16.59 0.52 -7.62
C VAL E 23 15.75 -0.74 -7.47
N THR E 24 14.64 -0.64 -6.75
CA THR E 24 13.74 -1.78 -6.55
C THR E 24 12.32 -1.46 -6.99
N LEU E 25 11.88 -2.11 -8.06
CA LEU E 25 10.52 -1.95 -8.54
C LEU E 25 9.62 -3.03 -7.93
N SER E 26 8.44 -2.63 -7.48
CA SER E 26 7.49 -3.56 -6.88
C SER E 26 6.22 -3.68 -7.70
N CYS E 27 5.56 -4.82 -7.60
CA CYS E 27 4.33 -5.07 -8.35
C CYS E 27 3.38 -6.01 -7.62
N ASN E 28 2.25 -5.47 -7.19
CA ASN E 28 1.22 -6.27 -6.52
C ASN E 28 0.05 -6.58 -7.46
N GLN E 29 -0.57 -7.73 -7.27
CA GLN E 29 -1.73 -8.13 -8.07
C GLN E 29 -2.89 -8.50 -7.17
N THR E 30 -4.08 -8.63 -7.76
CA THR E 30 -5.27 -9.03 -7.02
C THR E 30 -6.18 -9.94 -7.82
N ASN E 31 -5.58 -10.91 -8.50
CA ASN E 31 -6.33 -11.90 -9.27
C ASN E 31 -5.94 -13.33 -8.93
N ASN E 32 -5.08 -13.46 -7.93
CA ASN E 32 -4.58 -14.76 -7.48
C ASN E 32 -3.91 -15.56 -8.59
N HIS E 33 -3.39 -14.85 -9.59
CA HIS E 33 -2.69 -15.49 -10.70
C HIS E 33 -1.35 -16.04 -10.25
N ASN E 34 -1.10 -17.30 -10.59
CA ASN E 34 0.15 -17.95 -10.19
C ASN E 34 1.38 -17.32 -10.84
N ASN E 35 1.22 -16.87 -12.09
CA ASN E 35 2.35 -16.32 -12.84
C ASN E 35 2.42 -14.80 -12.81
N MET E 36 3.63 -14.28 -12.64
CA MET E 36 3.86 -12.84 -12.72
C MET E 36 5.09 -12.54 -13.58
N TYR E 37 5.04 -11.43 -14.30
CA TYR E 37 6.07 -11.12 -15.29
C TYR E 37 6.60 -9.70 -15.15
N TRP E 38 7.85 -9.51 -15.58
CA TRP E 38 8.44 -8.18 -15.63
C TRP E 38 9.01 -7.89 -17.02
N TYR E 39 8.47 -6.85 -17.65
CA TYR E 39 8.93 -6.44 -18.98
C TYR E 39 9.50 -5.03 -18.95
N ARG E 40 10.31 -4.71 -19.96
CA ARG E 40 10.76 -3.34 -20.19
C ARG E 40 10.50 -2.95 -21.63
N GLN E 41 10.13 -1.70 -21.86
CA GLN E 41 9.86 -1.25 -23.22
C GLN E 41 10.88 -0.24 -23.72
N ASP E 42 11.48 -0.53 -24.86
CA ASP E 42 12.43 0.37 -25.49
C ASP E 42 12.13 0.42 -26.99
N THR E 43 12.20 1.62 -27.56
CA THR E 43 11.88 1.81 -28.97
C THR E 43 12.77 0.97 -29.88
N GLY E 44 12.16 0.29 -30.84
CA GLY E 44 12.87 -0.54 -31.78
C GLY E 44 12.95 -1.98 -31.32
N HIS E 45 12.57 -2.23 -30.07
CA HIS E 45 12.62 -3.58 -29.51
C HIS E 45 11.25 -4.04 -28.99
N GLY E 46 10.32 -3.09 -28.86
CA GLY E 46 9.01 -3.40 -28.35
C GLY E 46 9.05 -3.79 -26.88
N LEU E 47 8.50 -4.96 -26.58
CA LEU E 47 8.43 -5.43 -25.20
C LEU E 47 9.32 -6.65 -25.01
N ARG E 48 10.27 -6.56 -24.08
CA ARG E 48 11.20 -7.67 -23.84
C ARG E 48 11.09 -8.21 -22.42
N LEU E 49 11.20 -9.53 -22.30
CA LEU E 49 11.04 -10.22 -21.02
C LEU E 49 12.33 -10.22 -20.20
N ILE E 50 12.20 -9.89 -18.92
CA ILE E 50 13.35 -9.83 -18.01
C ILE E 50 13.36 -11.01 -17.04
N HIS E 51 12.28 -11.14 -16.27
CA HIS E 51 12.14 -12.23 -15.32
C HIS E 51 10.66 -12.57 -15.14
N TYR E 52 10.39 -13.80 -14.72
CA TYR E 52 9.03 -14.19 -14.37
C TYR E 52 9.00 -15.25 -13.28
N SER E 53 7.79 -15.65 -12.89
CA SER E 53 7.62 -16.58 -11.77
C SER E 53 6.39 -17.45 -11.96
N TYR E 54 6.45 -18.68 -11.43
CA TYR E 54 5.32 -19.59 -11.48
C TYR E 54 4.50 -19.53 -10.19
N GLY E 55 5.10 -18.95 -9.16
CA GLY E 55 4.46 -18.84 -7.86
C GLY E 55 5.42 -18.28 -6.83
N ALA E 56 4.99 -18.26 -5.57
CA ALA E 56 5.82 -17.74 -4.48
C ALA E 56 7.09 -18.57 -4.31
N GLY E 57 8.24 -17.90 -4.34
CA GLY E 57 9.52 -18.57 -4.23
C GLY E 57 10.15 -18.85 -5.57
N SER E 58 9.33 -18.79 -6.62
CA SER E 58 9.81 -19.05 -7.97
C SER E 58 10.38 -17.79 -8.63
N THR E 59 11.49 -17.96 -9.34
CA THR E 59 12.08 -16.89 -10.13
C THR E 59 12.77 -17.48 -11.35
N GLU E 60 12.27 -17.14 -12.53
CA GLU E 60 12.80 -17.68 -13.77
C GLU E 60 13.36 -16.56 -14.66
N LYS E 61 14.51 -16.82 -15.27
CA LYS E 61 15.14 -15.83 -16.14
C LYS E 61 14.33 -15.60 -17.40
N GLY E 62 14.27 -14.34 -17.84
CA GLY E 62 13.62 -14.00 -19.09
C GLY E 62 14.60 -14.01 -20.22
N ASP E 63 14.33 -13.23 -21.26
CA ASP E 63 15.20 -13.18 -22.43
C ASP E 63 16.40 -12.27 -22.18
N ILE E 64 16.18 -11.23 -21.38
CA ILE E 64 17.27 -10.33 -20.99
C ILE E 64 17.33 -10.16 -19.47
N PRO E 65 17.88 -11.16 -18.77
CA PRO E 65 17.92 -11.17 -17.31
C PRO E 65 19.11 -10.41 -16.71
N ASP E 66 20.19 -10.28 -17.47
CA ASP E 66 21.42 -9.67 -16.96
C ASP E 66 21.21 -8.26 -16.44
N GLY E 67 21.58 -8.03 -15.19
CA GLY E 67 21.44 -6.73 -14.56
C GLY E 67 20.34 -6.70 -13.52
N TYR E 68 19.35 -7.56 -13.69
CA TYR E 68 18.17 -7.54 -12.83
C TYR E 68 18.07 -8.79 -11.98
N LYS E 69 17.50 -8.64 -10.78
CA LYS E 69 17.22 -9.77 -9.92
C LYS E 69 15.76 -9.72 -9.47
N ALA E 70 15.07 -10.85 -9.52
CA ALA E 70 13.66 -10.89 -9.20
C ALA E 70 13.37 -11.59 -7.88
N SER E 71 12.27 -11.20 -7.24
CA SER E 71 11.86 -11.80 -5.98
C SER E 71 10.35 -11.99 -5.93
N ARG E 72 9.92 -13.22 -5.66
CA ARG E 72 8.50 -13.53 -5.49
C ARG E 72 8.26 -14.06 -4.09
N PRO E 73 8.17 -13.15 -3.10
CA PRO E 73 8.02 -13.53 -1.70
C PRO E 73 6.63 -14.10 -1.41
N SER E 74 5.65 -13.68 -2.21
CA SER E 74 4.27 -14.12 -2.02
C SER E 74 3.58 -14.31 -3.36
N GLN E 75 2.36 -14.85 -3.31
CA GLN E 75 1.54 -15.05 -4.49
C GLN E 75 1.14 -13.71 -5.10
N GLU E 76 1.08 -12.69 -4.26
CA GLU E 76 0.55 -11.38 -4.65
C GLU E 76 1.64 -10.40 -5.15
N ASN E 77 2.88 -10.61 -4.73
CA ASN E 77 3.94 -9.65 -5.02
C ASN E 77 5.08 -10.17 -5.88
N PHE E 78 5.48 -9.36 -6.87
CA PHE E 78 6.63 -9.65 -7.71
C PHE E 78 7.51 -8.42 -7.81
N SER E 79 8.77 -8.54 -7.40
CA SER E 79 9.67 -7.39 -7.37
C SER E 79 10.89 -7.56 -8.26
N LEU E 80 11.35 -6.45 -8.83
CA LEU E 80 12.52 -6.44 -9.68
C LEU E 80 13.61 -5.58 -9.03
N ILE E 81 14.80 -6.14 -8.89
CA ILE E 81 15.88 -5.46 -8.16
C ILE E 81 17.07 -5.07 -9.03
N LEU E 82 17.37 -3.78 -9.06
CA LEU E 82 18.53 -3.27 -9.77
C LEU E 82 19.64 -2.92 -8.78
N GLU E 83 20.54 -3.86 -8.54
CA GLU E 83 21.62 -3.67 -7.57
C GLU E 83 22.55 -2.52 -7.94
N LEU E 84 23.18 -2.62 -9.10
CA LEU E 84 24.05 -1.56 -9.60
C LEU E 84 23.49 -0.97 -10.88
N ALA E 85 22.73 0.11 -10.74
CA ALA E 85 22.01 0.72 -11.87
C ALA E 85 22.92 1.23 -12.98
N THR E 86 22.53 0.96 -14.22
CA THR E 86 23.24 1.44 -15.39
C THR E 86 22.31 2.32 -16.21
N PRO E 87 22.88 3.29 -16.94
CA PRO E 87 22.08 4.14 -17.84
C PRO E 87 21.40 3.32 -18.94
N SER E 88 21.90 2.12 -19.20
CA SER E 88 21.29 1.23 -20.18
C SER E 88 19.99 0.66 -19.65
N GLN E 89 19.81 0.71 -18.33
CA GLN E 89 18.59 0.21 -17.71
C GLN E 89 17.51 1.28 -17.66
N THR E 90 17.82 2.45 -18.21
CA THR E 90 16.84 3.52 -18.33
C THR E 90 15.79 3.13 -19.35
N SER E 91 14.58 2.86 -18.87
CA SER E 91 13.49 2.43 -19.75
C SER E 91 12.14 2.50 -19.05
N VAL E 92 11.11 2.05 -19.76
CA VAL E 92 9.77 1.95 -19.18
C VAL E 92 9.50 0.50 -18.81
N TYR E 93 9.17 0.25 -17.55
CA TYR E 93 9.00 -1.10 -17.04
C TYR E 93 7.53 -1.46 -16.83
N PHE E 94 7.16 -2.67 -17.23
CA PHE E 94 5.79 -3.15 -17.07
C PHE E 94 5.74 -4.47 -16.29
N CYS E 95 4.78 -4.57 -15.39
CA CYS E 95 4.55 -5.80 -14.65
C CYS E 95 3.23 -6.42 -15.11
N ALA E 96 3.10 -7.73 -14.95
CA ALA E 96 1.91 -8.43 -15.41
C ALA E 96 1.59 -9.68 -14.59
N SER E 97 0.31 -10.01 -14.48
CA SER E 97 -0.11 -11.26 -13.87
C SER E 97 -0.47 -12.25 -14.98
N GLY E 98 -0.23 -13.54 -14.72
CA GLY E 98 -0.39 -14.54 -15.76
C GLY E 98 -1.26 -15.73 -15.42
N GLY E 99 -2.56 -15.49 -15.29
CA GLY E 99 -3.51 -16.57 -15.16
C GLY E 99 -3.68 -17.24 -16.51
N GLY E 100 -3.10 -18.42 -16.66
CA GLY E 100 -3.13 -19.12 -17.93
C GLY E 100 -2.12 -18.52 -18.89
N GLY E 101 -2.54 -18.32 -20.14
CA GLY E 101 -1.67 -17.75 -21.16
C GLY E 101 -1.82 -16.25 -21.28
N THR E 102 -3.04 -15.76 -21.10
CA THR E 102 -3.32 -14.33 -21.24
C THR E 102 -2.60 -13.51 -20.17
N LEU E 103 -2.21 -12.29 -20.53
CA LEU E 103 -1.49 -11.41 -19.59
C LEU E 103 -2.30 -10.15 -19.25
N TYR E 104 -2.16 -9.70 -18.01
CA TYR E 104 -2.85 -8.50 -17.54
C TYR E 104 -1.84 -7.49 -17.01
N PHE E 105 -1.72 -6.37 -17.72
CA PHE E 105 -0.64 -5.42 -17.48
C PHE E 105 -0.98 -4.27 -16.53
N GLY E 106 0.08 -3.58 -16.08
CA GLY E 106 -0.06 -2.40 -15.26
C GLY E 106 0.17 -1.14 -16.07
N ALA E 107 0.10 0.01 -15.41
CA ALA E 107 0.20 1.29 -16.10
C ALA E 107 1.62 1.61 -16.57
N GLY E 108 2.62 0.95 -15.98
CA GLY E 108 3.99 1.13 -16.36
C GLY E 108 4.81 1.96 -15.38
N THR E 109 6.13 1.87 -15.48
CA THR E 109 7.04 2.59 -14.60
C THR E 109 8.18 3.21 -15.38
N ARG E 110 8.35 4.53 -15.24
CA ARG E 110 9.43 5.24 -15.92
C ARG E 110 10.67 5.38 -15.03
N LEU E 111 11.78 4.80 -15.48
CA LEU E 111 13.04 4.87 -14.75
C LEU E 111 14.12 5.56 -15.57
N SER E 112 14.70 6.61 -15.03
CA SER E 112 15.80 7.30 -15.68
C SER E 112 17.05 7.29 -14.82
N VAL E 113 18.06 6.54 -15.25
CA VAL E 113 19.33 6.46 -14.55
C VAL E 113 20.41 7.18 -15.34
N LEU E 114 20.93 8.27 -14.78
CA LEU E 114 21.94 9.08 -15.47
C LEU E 114 23.28 9.09 -14.76
N GLU E 115 24.31 9.59 -15.45
CA GLU E 115 25.67 9.59 -14.93
C GLU E 115 25.82 10.53 -13.74
N ASP E 116 25.55 11.80 -13.95
CA ASP E 116 25.68 12.80 -12.89
C ASP E 116 24.32 13.38 -12.54
N LEU E 117 24.03 13.44 -11.24
CA LEU E 117 22.74 13.93 -10.77
C LEU E 117 22.67 15.46 -10.82
N LYS E 118 23.83 16.08 -11.07
CA LYS E 118 23.92 17.53 -11.20
C LYS E 118 23.15 18.03 -12.43
N ASN E 119 22.92 17.13 -13.38
CA ASN E 119 22.30 17.48 -14.66
C ASN E 119 20.78 17.44 -14.68
N VAL E 120 20.15 17.20 -13.53
CA VAL E 120 18.69 17.21 -13.49
C VAL E 120 18.15 18.65 -13.35
N PHE E 121 17.19 18.99 -14.20
CA PHE E 121 16.64 20.34 -14.25
C PHE E 121 15.12 20.33 -14.41
N PRO E 122 14.42 21.22 -13.67
CA PRO E 122 12.99 21.43 -13.80
C PRO E 122 12.68 22.32 -15.01
N PRO E 123 11.46 22.25 -15.55
CA PRO E 123 11.10 23.01 -16.75
C PRO E 123 10.73 24.46 -16.48
N GLU E 124 10.83 25.29 -17.52
CA GLU E 124 10.37 26.67 -17.48
C GLU E 124 9.10 26.76 -18.31
N VAL E 125 7.97 26.99 -17.64
CA VAL E 125 6.67 26.96 -18.31
C VAL E 125 6.13 28.35 -18.64
N ALA E 126 5.76 28.56 -19.89
CA ALA E 126 5.22 29.84 -20.33
C ALA E 126 4.06 29.63 -21.30
N VAL E 127 2.95 30.32 -21.06
CA VAL E 127 1.79 30.26 -21.94
C VAL E 127 1.75 31.48 -22.86
N PHE E 128 1.46 31.25 -24.13
CA PHE E 128 1.43 32.33 -25.11
C PHE E 128 0.02 32.61 -25.61
N GLU E 129 -0.39 33.87 -25.53
CA GLU E 129 -1.75 34.28 -25.86
C GLU E 129 -2.06 34.15 -27.35
N PRO E 130 -3.32 33.81 -27.69
CA PRO E 130 -3.79 33.65 -29.07
C PRO E 130 -3.50 34.86 -29.95
N SER E 131 -3.32 34.62 -31.24
CA SER E 131 -3.02 35.69 -32.18
C SER E 131 -4.27 36.46 -32.57
N GLU E 132 -4.11 37.76 -32.79
CA GLU E 132 -5.22 38.63 -33.16
C GLU E 132 -5.72 38.29 -34.55
N ALA E 133 -4.78 38.00 -35.45
CA ALA E 133 -5.12 37.65 -36.82
C ALA E 133 -5.83 36.31 -36.89
N GLU E 134 -5.49 35.42 -35.96
CA GLU E 134 -6.13 34.11 -35.87
C GLU E 134 -7.59 34.25 -35.48
N ILE E 135 -7.83 35.04 -34.43
CA ILE E 135 -9.18 35.30 -33.94
C ILE E 135 -10.02 35.98 -35.03
N SER E 136 -9.40 36.89 -35.78
CA SER E 136 -10.10 37.61 -36.83
C SER E 136 -10.44 36.71 -38.02
N HIS E 137 -9.57 35.73 -38.30
CA HIS E 137 -9.74 34.88 -39.47
C HIS E 137 -10.58 33.64 -39.19
N THR E 138 -10.17 32.86 -38.20
CA THR E 138 -10.81 31.56 -37.95
C THR E 138 -11.92 31.64 -36.90
N GLN E 139 -12.02 32.79 -36.23
CA GLN E 139 -12.93 32.96 -35.10
C GLN E 139 -12.64 31.93 -34.02
N LYS E 140 -11.36 31.59 -33.89
CA LYS E 140 -10.89 30.64 -32.90
C LYS E 140 -9.67 31.22 -32.20
N ALA E 141 -9.33 30.64 -31.05
CA ALA E 141 -8.19 31.14 -30.27
C ALA E 141 -7.28 30.00 -29.82
N THR E 142 -6.06 30.00 -30.32
CA THR E 142 -5.10 28.95 -29.98
C THR E 142 -4.09 29.44 -28.95
N LEU E 143 -4.15 28.89 -27.74
CA LEU E 143 -3.16 29.18 -26.72
C LEU E 143 -2.02 28.19 -26.83
N VAL E 144 -0.79 28.66 -26.64
CA VAL E 144 0.38 27.79 -26.73
C VAL E 144 1.21 27.82 -25.46
N CYS E 145 1.36 26.65 -24.84
CA CYS E 145 2.20 26.52 -23.65
C CYS E 145 3.57 25.98 -24.05
N LEU E 146 4.60 26.46 -23.38
CA LEU E 146 5.97 26.07 -23.71
C LEU E 146 6.76 25.71 -22.45
N ALA E 147 7.14 24.44 -22.34
CA ALA E 147 7.95 23.97 -21.22
C ALA E 147 9.37 23.70 -21.70
N THR E 148 10.32 24.51 -21.24
CA THR E 148 11.69 24.44 -21.75
C THR E 148 12.73 24.11 -20.70
N GLY E 149 13.88 23.61 -21.15
CA GLY E 149 15.04 23.41 -20.30
C GLY E 149 14.89 22.43 -19.15
N PHE E 150 14.23 21.29 -19.40
CA PHE E 150 14.08 20.28 -18.36
C PHE E 150 14.80 18.99 -18.72
N TYR E 151 15.20 18.24 -17.69
CA TYR E 151 15.90 16.98 -17.87
C TYR E 151 15.78 16.10 -16.63
N PRO E 152 15.41 14.83 -16.81
CA PRO E 152 15.08 14.23 -18.11
C PRO E 152 13.63 14.49 -18.50
N ASP E 153 13.12 13.77 -19.49
CA ASP E 153 11.76 13.97 -19.97
C ASP E 153 10.70 13.24 -19.15
N HIS E 154 10.68 13.51 -17.84
CA HIS E 154 9.65 12.95 -16.96
C HIS E 154 8.54 13.97 -16.73
N VAL E 155 8.03 14.55 -17.81
CA VAL E 155 7.02 15.61 -17.68
C VAL E 155 5.63 15.19 -18.17
N GLU E 156 4.61 15.69 -17.49
CA GLU E 156 3.23 15.51 -17.91
C GLU E 156 2.55 16.87 -18.00
N LEU E 157 2.07 17.21 -19.20
CA LEU E 157 1.44 18.50 -19.41
C LEU E 157 -0.09 18.37 -19.35
N SER E 158 -0.73 19.38 -18.78
CA SER E 158 -2.18 19.41 -18.66
C SER E 158 -2.72 20.83 -18.76
N TRP E 159 -3.92 20.98 -19.31
CA TRP E 159 -4.57 22.28 -19.41
C TRP E 159 -5.70 22.40 -18.40
N TRP E 160 -5.78 23.55 -17.75
CA TRP E 160 -6.83 23.80 -16.76
C TRP E 160 -7.58 25.09 -17.03
N VAL E 161 -8.87 24.98 -17.32
CA VAL E 161 -9.70 26.14 -17.58
C VAL E 161 -10.75 26.29 -16.49
N ASN E 162 -10.66 27.39 -15.74
CA ASN E 162 -11.56 27.67 -14.63
C ASN E 162 -11.58 26.58 -13.56
N GLY E 163 -10.43 25.94 -13.35
CA GLY E 163 -10.29 24.94 -12.31
C GLY E 163 -10.48 23.51 -12.78
N LYS E 164 -10.96 23.35 -14.02
CA LYS E 164 -11.21 22.01 -14.55
C LYS E 164 -10.20 21.64 -15.63
N GLU E 165 -9.76 20.38 -15.61
CA GLU E 165 -8.88 19.87 -16.66
C GLU E 165 -9.67 19.61 -17.93
N VAL E 166 -9.17 20.13 -19.05
CA VAL E 166 -9.85 19.97 -20.33
C VAL E 166 -9.07 19.07 -21.27
N HIS E 167 -9.78 18.41 -22.19
CA HIS E 167 -9.14 17.54 -23.16
C HIS E 167 -9.52 17.95 -24.59
N SER E 168 -10.68 18.58 -24.73
CA SER E 168 -11.14 19.05 -26.03
C SER E 168 -10.33 20.26 -26.47
N GLY E 169 -9.94 20.27 -27.75
CA GLY E 169 -9.16 21.38 -28.30
C GLY E 169 -7.73 21.35 -27.79
N VAL E 170 -7.29 20.19 -27.34
CA VAL E 170 -5.95 20.05 -26.75
C VAL E 170 -5.04 19.18 -27.61
N CYS E 171 -3.81 19.64 -27.82
CA CYS E 171 -2.81 18.86 -28.52
C CYS E 171 -1.42 19.08 -27.92
N THR E 172 -0.87 18.06 -27.30
CA THR E 172 0.48 18.11 -26.76
C THR E 172 1.39 17.22 -27.59
N ASP E 173 2.63 17.68 -27.83
CA ASP E 173 3.60 16.92 -28.59
C ASP E 173 3.80 15.54 -27.99
N PRO E 174 3.71 14.49 -28.82
CA PRO E 174 3.84 13.10 -28.39
C PRO E 174 5.21 12.82 -27.77
N GLN E 175 6.23 13.48 -28.28
CA GLN E 175 7.58 13.37 -27.74
C GLN E 175 8.26 14.73 -27.74
N PRO E 176 9.07 15.01 -26.70
CA PRO E 176 9.79 16.29 -26.57
C PRO E 176 10.97 16.39 -27.54
N LEU E 177 11.65 17.53 -27.53
CA LEU E 177 12.78 17.76 -28.41
C LEU E 177 14.06 17.97 -27.58
N LYS E 178 15.19 17.49 -28.09
CA LYS E 178 16.47 17.73 -27.43
C LYS E 178 16.95 19.13 -27.74
N GLU E 179 17.11 19.94 -26.70
CA GLU E 179 17.50 21.34 -26.86
C GLU E 179 18.87 21.51 -27.51
N GLN E 180 19.85 20.74 -27.03
CA GLN E 180 21.17 20.71 -27.65
C GLN E 180 21.43 19.32 -28.21
N PRO E 181 20.84 19.01 -29.39
CA PRO E 181 20.78 17.66 -29.96
C PRO E 181 22.14 17.00 -30.16
N ALA E 182 23.17 17.78 -30.44
CA ALA E 182 24.52 17.26 -30.61
C ALA E 182 25.02 16.60 -29.33
N LEU E 183 24.69 17.21 -28.19
CA LEU E 183 25.05 16.66 -26.90
C LEU E 183 24.12 15.51 -26.54
N ASN E 184 24.66 14.47 -25.92
CA ASN E 184 23.87 13.31 -25.56
C ASN E 184 22.96 13.58 -24.36
N ASP E 185 23.50 14.24 -23.34
CA ASP E 185 22.68 14.61 -22.19
C ASP E 185 21.61 15.59 -22.64
N SER E 186 22.05 16.67 -23.29
CA SER E 186 21.16 17.66 -23.88
C SER E 186 20.18 18.20 -22.84
N ARG E 187 19.04 18.68 -23.31
CA ARG E 187 17.94 19.09 -22.45
C ARG E 187 16.67 19.15 -23.29
N TYR E 188 15.52 19.31 -22.66
CA TYR E 188 14.26 19.13 -23.37
C TYR E 188 13.32 20.33 -23.40
N ALA E 189 12.57 20.43 -24.50
CA ALA E 189 11.52 21.43 -24.64
C ALA E 189 10.26 20.74 -25.15
N LEU E 190 9.10 21.20 -24.68
CA LEU E 190 7.83 20.60 -25.07
C LEU E 190 6.76 21.67 -25.27
N SER E 191 5.95 21.50 -26.31
CA SER E 191 4.90 22.46 -26.60
C SER E 191 3.52 21.80 -26.53
N SER E 192 2.50 22.60 -26.26
CA SER E 192 1.13 22.13 -26.23
C SER E 192 0.20 23.20 -26.78
N ARG E 193 -1.04 22.81 -27.08
CA ARG E 193 -1.98 23.71 -27.73
C ARG E 193 -3.40 23.55 -27.20
N LEU E 194 -3.92 24.62 -26.59
CA LEU E 194 -5.32 24.66 -26.20
C LEU E 194 -6.07 25.63 -27.10
N ARG E 195 -7.00 25.11 -27.90
CA ARG E 195 -7.71 25.94 -28.86
C ARG E 195 -9.20 26.03 -28.54
N VAL E 196 -9.69 27.27 -28.42
CA VAL E 196 -11.09 27.51 -28.10
C VAL E 196 -11.69 28.54 -29.05
N SER E 197 -12.98 28.80 -28.91
CA SER E 197 -13.66 29.79 -29.73
C SER E 197 -13.17 31.19 -29.35
N ALA E 198 -13.35 32.14 -30.26
CA ALA E 198 -12.95 33.52 -30.01
C ALA E 198 -13.74 34.11 -28.86
N THR E 199 -15.03 33.81 -28.81
CA THR E 199 -15.92 34.35 -27.79
C THR E 199 -15.54 33.87 -26.39
N PHE E 200 -15.10 32.63 -26.28
CA PHE E 200 -14.74 32.05 -24.99
C PHE E 200 -13.43 32.65 -24.46
N TRP E 201 -12.50 32.92 -25.36
CA TRP E 201 -11.23 33.54 -24.99
C TRP E 201 -11.41 35.00 -24.62
N GLN E 202 -12.30 35.68 -25.34
CA GLN E 202 -12.52 37.11 -25.15
C GLN E 202 -13.30 37.43 -23.88
N ASN E 203 -13.63 36.40 -23.11
CA ASN E 203 -14.26 36.58 -21.81
C ASN E 203 -13.20 36.77 -20.73
N PRO E 204 -13.05 38.01 -20.25
CA PRO E 204 -11.96 38.40 -19.34
C PRO E 204 -12.03 37.74 -17.97
N ARG E 205 -13.16 37.11 -17.65
CA ARG E 205 -13.29 36.41 -16.38
C ARG E 205 -13.03 34.92 -16.53
N ASN E 206 -12.42 34.54 -17.64
CA ASN E 206 -12.02 33.16 -17.87
C ASN E 206 -10.53 32.94 -17.62
N HIS E 207 -10.22 31.89 -16.87
CA HIS E 207 -8.84 31.60 -16.48
C HIS E 207 -8.28 30.40 -17.25
N PHE E 208 -7.14 30.63 -17.91
CA PHE E 208 -6.45 29.55 -18.62
C PHE E 208 -5.14 29.23 -17.91
N ARG E 209 -4.79 27.95 -17.86
CA ARG E 209 -3.62 27.53 -17.11
C ARG E 209 -2.98 26.26 -17.67
N CYS E 210 -1.70 26.36 -18.03
CA CYS E 210 -0.94 25.21 -18.48
C CYS E 210 -0.13 24.62 -17.32
N GLN E 211 -0.53 23.44 -16.86
CA GLN E 211 0.15 22.80 -15.75
C GLN E 211 1.09 21.70 -16.24
N VAL E 212 2.36 21.80 -15.86
CA VAL E 212 3.35 20.81 -16.24
C VAL E 212 3.93 20.09 -15.02
N GLN E 213 3.60 18.81 -14.88
CA GLN E 213 4.10 18.00 -13.78
C GLN E 213 5.48 17.44 -14.10
N PHE E 214 6.47 17.78 -13.29
CA PHE E 214 7.83 17.30 -13.49
C PHE E 214 8.25 16.35 -12.37
N TYR E 215 8.77 15.19 -12.75
CA TYR E 215 9.26 14.22 -11.79
C TYR E 215 10.78 14.25 -11.72
N GLY E 216 11.31 14.59 -10.55
CA GLY E 216 12.74 14.67 -10.35
C GLY E 216 13.21 13.86 -9.16
N LEU E 217 13.94 14.52 -8.27
CA LEU E 217 14.48 13.86 -7.09
C LEU E 217 13.47 13.79 -5.96
N SER E 218 13.65 12.85 -5.06
CA SER E 218 12.88 12.81 -3.84
C SER E 218 13.73 13.42 -2.73
N GLU E 219 13.30 13.25 -1.48
CA GLU E 219 14.14 13.59 -0.35
C GLU E 219 15.24 12.53 -0.20
N ASN E 220 16.09 12.70 0.79
CA ASN E 220 17.25 11.82 1.01
C ASN E 220 18.18 11.73 -0.20
N ASP E 221 18.10 12.71 -1.11
CA ASP E 221 19.00 12.79 -2.25
C ASP E 221 19.89 14.02 -2.10
N GLU E 222 21.20 13.79 -2.00
CA GLU E 222 22.16 14.86 -1.77
C GLU E 222 22.18 15.89 -2.90
N TRP E 223 22.13 17.17 -2.55
CA TRP E 223 22.19 18.23 -3.53
C TRP E 223 23.17 19.33 -3.12
N THR E 224 24.41 19.22 -3.60
CA THR E 224 25.46 20.17 -3.25
C THR E 224 25.78 21.13 -4.40
N GLN E 225 24.75 21.76 -4.94
CA GLN E 225 24.92 22.78 -5.98
C GLN E 225 24.15 24.05 -5.60
N ASP E 226 24.62 25.19 -6.08
CA ASP E 226 24.07 26.49 -5.67
C ASP E 226 22.67 26.80 -6.18
N ARG E 227 22.08 25.87 -6.92
CA ARG E 227 20.72 26.07 -7.43
C ARG E 227 19.72 25.16 -6.74
N ALA E 228 18.46 25.56 -6.74
CA ALA E 228 17.40 24.85 -6.01
C ALA E 228 17.31 23.37 -6.41
N LYS E 229 17.06 22.52 -5.42
CA LYS E 229 16.98 21.08 -5.64
C LYS E 229 15.80 20.72 -6.55
N PRO E 230 16.11 20.07 -7.69
CA PRO E 230 15.13 19.70 -8.72
C PRO E 230 14.23 18.55 -8.29
N VAL E 231 13.53 18.70 -7.18
CA VAL E 231 12.63 17.67 -6.71
C VAL E 231 11.38 17.61 -7.59
N THR E 232 10.58 16.57 -7.39
CA THR E 232 9.31 16.44 -8.11
C THR E 232 8.40 17.62 -7.76
N GLN E 233 8.01 18.37 -8.78
CA GLN E 233 7.27 19.62 -8.57
C GLN E 233 6.33 19.95 -9.72
N ILE E 234 5.44 20.91 -9.49
CA ILE E 234 4.53 21.40 -10.51
C ILE E 234 4.93 22.81 -10.95
N VAL E 235 5.36 22.94 -12.20
CA VAL E 235 5.63 24.24 -12.79
C VAL E 235 4.49 24.59 -13.72
N SER E 236 3.96 25.81 -13.59
CA SER E 236 2.79 26.19 -14.37
C SER E 236 2.78 27.66 -14.79
N ALA E 237 2.15 27.93 -15.92
CA ALA E 237 1.95 29.30 -16.39
C ALA E 237 0.44 29.58 -16.47
N GLU E 238 0.07 30.85 -16.56
CA GLU E 238 -1.34 31.23 -16.57
C GLU E 238 -1.62 32.39 -17.51
N ALA E 239 -2.86 32.45 -18.00
CA ALA E 239 -3.29 33.54 -18.88
C ALA E 239 -4.76 33.89 -18.61
N TRP E 240 -5.14 35.12 -18.96
CA TRP E 240 -6.51 35.58 -18.74
C TRP E 240 -7.16 36.13 -20.00
N GLY E 241 -8.48 36.15 -20.01
CA GLY E 241 -9.24 36.64 -21.14
C GLY E 241 -9.05 38.12 -21.37
N ARG E 242 -9.15 38.54 -22.63
CA ARG E 242 -8.93 39.94 -22.98
C ARG E 242 -10.01 40.45 -23.94
N ALA E 243 -9.75 41.60 -24.56
CA ALA E 243 -10.70 42.18 -25.49
C ALA E 243 -10.00 42.96 -26.60
N GLY F 2 -30.31 32.85 -7.43
CA GLY F 2 -29.03 33.40 -7.84
C GLY F 2 -27.87 32.73 -7.12
N PRO F 3 -26.64 33.21 -7.39
CA PRO F 3 -25.43 32.67 -6.77
C PRO F 3 -25.24 33.24 -5.36
N HIS F 4 -24.46 32.54 -4.53
CA HIS F 4 -24.18 33.00 -3.18
C HIS F 4 -22.71 32.83 -2.85
N SER F 5 -22.33 33.19 -1.63
CA SER F 5 -20.92 33.13 -1.23
C SER F 5 -20.76 33.12 0.29
N MET F 6 -19.88 32.25 0.77
CA MET F 6 -19.50 32.25 2.17
C MET F 6 -18.01 32.60 2.27
N ARG F 7 -17.64 33.35 3.29
CA ARG F 7 -16.26 33.79 3.40
C ARG F 7 -15.84 34.02 4.86
N TYR F 8 -14.68 33.49 5.23
CA TYR F 8 -14.13 33.67 6.57
C TYR F 8 -12.79 34.39 6.52
N PHE F 9 -12.56 35.25 7.52
CA PHE F 9 -11.31 36.01 7.61
C PHE F 9 -10.63 35.79 8.96
N GLU F 10 -9.48 35.13 8.95
CA GLU F 10 -8.76 34.84 10.19
C GLU F 10 -7.47 35.66 10.32
N THR F 11 -7.40 36.51 11.34
CA THR F 11 -6.26 37.39 11.54
C THR F 11 -5.62 37.18 12.91
N ALA F 12 -4.29 37.04 12.93
CA ALA F 12 -3.55 36.89 14.18
C ALA F 12 -2.41 37.89 14.24
N VAL F 13 -2.44 38.73 15.26
CA VAL F 13 -1.46 39.80 15.39
C VAL F 13 -0.61 39.60 16.64
N SER F 14 0.68 39.39 16.43
CA SER F 14 1.61 39.16 17.53
C SER F 14 1.96 40.46 18.26
N ARG F 15 1.61 40.53 19.54
CA ARG F 15 1.99 41.65 20.37
C ARG F 15 3.11 41.20 21.32
N PRO F 16 4.38 41.42 20.91
CA PRO F 16 5.58 41.01 21.67
C PRO F 16 5.67 41.70 23.03
N GLY F 17 5.62 40.90 24.10
CA GLY F 17 5.73 41.42 25.47
C GLY F 17 4.38 41.78 26.06
N LEU F 18 3.37 41.79 25.20
CA LEU F 18 2.01 42.13 25.60
C LEU F 18 1.11 40.89 25.57
N GLY F 19 1.73 39.72 25.51
CA GLY F 19 0.98 38.47 25.54
C GLY F 19 0.90 37.76 24.21
N GLU F 20 0.25 36.60 24.20
CA GLU F 20 0.02 35.82 22.98
C GLU F 20 -0.79 36.64 21.98
N PRO F 21 -0.54 36.43 20.67
CA PRO F 21 -1.18 37.21 19.60
C PRO F 21 -2.70 37.22 19.67
N ARG F 22 -3.29 38.33 19.24
CA ARG F 22 -4.74 38.46 19.21
C ARG F 22 -5.31 37.75 17.99
N TYR F 23 -6.24 36.84 18.23
CA TYR F 23 -6.88 36.10 17.14
C TYR F 23 -8.30 36.60 16.89
N ILE F 24 -8.62 36.83 15.61
CA ILE F 24 -9.94 37.30 15.23
C ILE F 24 -10.44 36.53 14.00
N SER F 25 -11.68 36.04 14.05
CA SER F 25 -12.27 35.36 12.91
C SER F 25 -13.68 35.87 12.63
N VAL F 26 -13.87 36.46 11.45
CA VAL F 26 -15.18 36.93 11.03
C VAL F 26 -15.68 36.18 9.80
N GLY F 27 -16.99 35.97 9.73
CA GLY F 27 -17.59 35.24 8.63
C GLY F 27 -18.57 36.07 7.84
N TYR F 28 -18.73 35.74 6.56
CA TYR F 28 -19.61 36.49 5.67
C TYR F 28 -20.49 35.57 4.84
N VAL F 29 -21.78 35.57 5.12
CA VAL F 29 -22.73 34.91 4.25
C VAL F 29 -23.17 35.91 3.21
N ASP F 30 -23.04 35.54 1.94
CA ASP F 30 -23.15 36.50 0.85
C ASP F 30 -22.15 37.61 1.07
N ASP F 31 -22.64 38.79 1.41
CA ASP F 31 -21.76 39.89 1.78
C ASP F 31 -22.26 40.59 3.02
N LYS F 32 -22.57 39.80 4.04
CA LYS F 32 -22.94 40.34 5.35
C LYS F 32 -22.18 39.60 6.45
N GLU F 33 -21.55 40.37 7.34
CA GLU F 33 -20.86 39.77 8.48
C GLU F 33 -21.89 39.11 9.39
N PHE F 34 -21.88 37.78 9.44
CA PHE F 34 -22.89 37.03 10.17
C PHE F 34 -22.38 36.39 11.47
N VAL F 35 -21.08 36.16 11.55
CA VAL F 35 -20.46 35.63 12.76
C VAL F 35 -19.13 36.32 13.04
N ARG F 36 -18.67 36.23 14.29
CA ARG F 36 -17.41 36.85 14.68
C ARG F 36 -16.82 36.26 15.97
N PHE F 37 -15.52 36.01 15.95
CA PHE F 37 -14.80 35.53 17.13
C PHE F 37 -13.68 36.51 17.49
N ASP F 38 -13.50 36.75 18.79
CA ASP F 38 -12.45 37.64 19.25
C ASP F 38 -11.77 37.07 20.50
N SER F 39 -10.45 36.98 20.46
CA SER F 39 -9.68 36.40 21.55
C SER F 39 -9.45 37.40 22.68
N ASP F 40 -9.63 38.68 22.38
CA ASP F 40 -9.47 39.73 23.37
C ASP F 40 -10.79 40.07 24.06
N ALA F 41 -11.83 39.31 23.74
CA ALA F 41 -13.14 39.51 24.36
C ALA F 41 -13.11 39.04 25.81
N GLU F 42 -14.08 39.48 26.59
CA GLU F 42 -14.17 39.09 28.00
C GLU F 42 -14.51 37.61 28.15
N ASN F 43 -15.28 37.10 27.19
CA ASN F 43 -15.62 35.68 27.15
C ASN F 43 -15.50 35.17 25.70
N PRO F 44 -14.26 34.95 25.24
CA PRO F 44 -13.92 34.65 23.84
C PRO F 44 -14.70 33.47 23.26
N ARG F 45 -15.65 33.77 22.38
CA ARG F 45 -16.39 32.74 21.65
C ARG F 45 -17.02 33.34 20.40
N TYR F 46 -17.54 32.47 19.53
CA TYR F 46 -18.22 32.93 18.32
C TYR F 46 -19.54 33.60 18.67
N GLU F 47 -19.79 34.75 18.04
CA GLU F 47 -21.02 35.51 18.29
C GLU F 47 -21.79 35.74 17.01
N PRO F 48 -23.13 35.60 17.08
CA PRO F 48 -23.99 35.93 15.93
C PRO F 48 -24.00 37.43 15.70
N GLN F 49 -23.65 37.85 14.48
CA GLN F 49 -23.63 39.26 14.14
C GLN F 49 -24.89 39.66 13.39
N VAL F 50 -25.77 38.67 13.17
CA VAL F 50 -27.05 38.90 12.52
C VAL F 50 -28.16 38.20 13.29
N PRO F 51 -29.37 38.81 13.30
CA PRO F 51 -30.52 38.25 14.01
C PRO F 51 -30.92 36.85 13.54
N TRP F 52 -30.71 36.54 12.27
CA TRP F 52 -31.14 35.25 11.72
C TRP F 52 -30.20 34.09 12.06
N MET F 53 -29.11 34.38 12.77
CA MET F 53 -28.20 33.35 13.22
C MET F 53 -28.38 33.03 14.70
N GLU F 54 -29.22 33.81 15.38
CA GLU F 54 -29.48 33.63 16.79
C GLU F 54 -30.38 32.41 17.03
N GLN F 55 -30.98 31.90 15.96
CA GLN F 55 -31.86 30.74 16.05
C GLN F 55 -31.07 29.46 16.30
N GLU F 56 -29.78 29.50 16.02
CA GLU F 56 -28.93 28.32 16.17
C GLU F 56 -28.81 27.88 17.62
N GLY F 57 -28.75 26.56 17.83
CA GLY F 57 -28.66 26.01 19.17
C GLY F 57 -27.29 26.23 19.79
N PRO F 58 -27.19 26.08 21.11
CA PRO F 58 -25.94 26.26 21.86
C PRO F 58 -24.89 25.21 21.50
N GLU F 59 -25.32 24.10 20.94
CA GLU F 59 -24.40 23.04 20.52
C GLU F 59 -23.62 23.48 19.29
N TYR F 60 -24.29 24.20 18.40
CA TYR F 60 -23.65 24.71 17.18
C TYR F 60 -22.53 25.70 17.51
N TRP F 61 -22.86 26.69 18.34
CA TRP F 61 -21.90 27.72 18.73
C TRP F 61 -20.72 27.13 19.49
N GLU F 62 -20.98 26.08 20.25
CA GLU F 62 -19.93 25.43 21.03
C GLU F 62 -18.93 24.73 20.11
N ARG F 63 -19.42 24.17 19.01
CA ARG F 63 -18.58 23.44 18.07
C ARG F 63 -17.66 24.37 17.27
N ILE F 64 -18.24 25.44 16.73
CA ILE F 64 -17.47 26.37 15.88
C ILE F 64 -16.51 27.23 16.68
N THR F 65 -16.80 27.43 17.97
CA THR F 65 -15.92 28.20 18.84
C THR F 65 -14.65 27.42 19.13
N GLN F 66 -14.82 26.11 19.35
CA GLN F 66 -13.71 25.23 19.68
C GLN F 66 -12.67 25.19 18.55
N VAL F 67 -13.14 25.37 17.32
CA VAL F 67 -12.26 25.40 16.15
C VAL F 67 -11.38 26.65 16.20
N ALA F 68 -12.00 27.79 16.48
CA ALA F 68 -11.29 29.06 16.54
C ALA F 68 -10.22 29.05 17.63
N LYS F 69 -10.56 28.49 18.79
CA LYS F 69 -9.62 28.38 19.89
C LYS F 69 -8.49 27.43 19.53
N GLY F 70 -8.76 26.52 18.60
CA GLY F 70 -7.75 25.63 18.07
C GLY F 70 -6.97 26.31 16.96
N GLN F 71 -7.69 27.10 16.16
CA GLN F 71 -7.06 27.89 15.11
C GLN F 71 -6.14 28.94 15.71
N GLU F 72 -6.52 29.44 16.88
CA GLU F 72 -5.71 30.39 17.62
C GLU F 72 -4.34 29.78 17.94
N GLN F 73 -4.34 28.48 18.23
CA GLN F 73 -3.11 27.76 18.50
C GLN F 73 -2.38 27.45 17.20
N TRP F 74 -3.12 27.35 16.11
CA TRP F 74 -2.53 27.06 14.81
C TRP F 74 -1.73 28.26 14.33
N PHE F 75 -2.26 29.46 14.60
CA PHE F 75 -1.64 30.69 14.13
C PHE F 75 -0.41 31.09 14.95
N ARG F 76 -0.42 30.80 16.25
CA ARG F 76 0.69 31.17 17.11
C ARG F 76 1.94 30.37 16.76
N VAL F 77 1.75 29.16 16.27
CA VAL F 77 2.86 28.30 15.87
C VAL F 77 3.45 28.79 14.55
N ASN F 78 2.59 29.05 13.58
CA ASN F 78 3.02 29.50 12.27
C ASN F 78 3.57 30.93 12.27
N LEU F 79 3.22 31.70 13.30
CA LEU F 79 3.78 33.03 13.47
C LEU F 79 5.25 32.94 13.83
N ARG F 80 5.61 31.89 14.57
CA ARG F 80 7.00 31.65 14.94
C ARG F 80 7.83 31.29 13.71
N THR F 81 7.22 30.51 12.82
CA THR F 81 7.89 30.05 11.61
C THR F 81 8.19 31.20 10.66
N LEU F 82 7.18 32.00 10.36
CA LEU F 82 7.33 33.15 9.48
C LEU F 82 8.30 34.17 10.07
N LEU F 83 8.36 34.22 11.40
CA LEU F 83 9.29 35.09 12.10
C LEU F 83 10.71 34.68 11.78
N GLY F 84 10.92 33.38 11.64
CA GLY F 84 12.24 32.84 11.35
C GLY F 84 12.54 32.80 9.86
N TYR F 85 11.50 32.59 9.06
CA TYR F 85 11.63 32.53 7.61
C TYR F 85 12.14 33.86 7.05
N TYR F 86 11.63 34.96 7.58
CA TYR F 86 12.00 36.29 7.10
C TYR F 86 13.14 36.88 7.92
N ASN F 87 13.73 36.05 8.79
CA ASN F 87 14.84 36.46 9.65
C ASN F 87 14.54 37.72 10.44
N GLN F 88 13.29 37.85 10.87
CA GLN F 88 12.86 39.01 11.64
C GLN F 88 13.12 38.79 13.13
N SER F 89 13.02 39.86 13.91
CA SER F 89 13.20 39.78 15.35
C SER F 89 11.87 39.47 16.03
N ALA F 90 11.92 38.69 17.10
CA ALA F 90 10.72 38.32 17.84
C ALA F 90 10.32 39.39 18.84
N GLY F 91 10.69 40.64 18.55
CA GLY F 91 10.34 41.77 19.40
C GLY F 91 9.47 42.77 18.67
N GLY F 92 9.11 42.45 17.44
CA GLY F 92 8.25 43.31 16.64
C GLY F 92 6.89 42.70 16.40
N THR F 93 5.93 43.54 16.00
CA THR F 93 4.57 43.07 15.73
C THR F 93 4.39 42.62 14.30
N HIS F 94 3.79 41.44 14.11
CA HIS F 94 3.54 40.91 12.79
C HIS F 94 2.14 40.29 12.70
N THR F 95 1.62 40.19 11.48
CA THR F 95 0.26 39.72 11.29
C THR F 95 0.18 38.57 10.27
N LEU F 96 -0.47 37.49 10.67
CA LEU F 96 -0.72 36.37 9.76
C LEU F 96 -2.22 36.26 9.47
N GLN F 97 -2.58 36.34 8.20
CA GLN F 97 -3.98 36.34 7.79
C GLN F 97 -4.33 35.14 6.92
N ARG F 98 -5.50 34.55 7.17
CA ARG F 98 -5.99 33.45 6.37
C ARG F 98 -7.42 33.72 5.90
N MET F 99 -7.62 33.73 4.58
CA MET F 99 -8.94 33.91 4.01
C MET F 99 -9.38 32.63 3.31
N TYR F 100 -10.59 32.18 3.60
CA TYR F 100 -11.14 31.00 2.94
C TYR F 100 -12.67 31.09 2.84
N GLY F 101 -13.23 30.34 1.91
CA GLY F 101 -14.66 30.36 1.68
C GLY F 101 -15.01 29.74 0.34
N CYS F 102 -16.22 29.97 -0.13
CA CYS F 102 -16.67 29.37 -1.37
C CYS F 102 -17.77 30.16 -2.05
N ASP F 103 -17.68 30.25 -3.38
CA ASP F 103 -18.75 30.82 -4.19
C ASP F 103 -19.57 29.68 -4.78
N VAL F 104 -20.88 29.83 -4.79
CA VAL F 104 -21.76 28.79 -5.33
C VAL F 104 -22.64 29.35 -6.44
N GLY F 105 -23.46 28.49 -7.03
CA GLY F 105 -24.37 28.90 -8.09
C GLY F 105 -25.83 28.74 -7.69
N SER F 106 -26.73 29.00 -8.65
CA SER F 106 -28.16 28.85 -8.41
C SER F 106 -28.52 27.40 -8.12
N ASP F 107 -27.75 26.48 -8.70
CA ASP F 107 -27.95 25.05 -8.48
C ASP F 107 -27.68 24.68 -7.04
N GLY F 108 -26.73 25.37 -6.42
CA GLY F 108 -26.35 25.10 -5.04
C GLY F 108 -24.97 24.48 -4.96
N ARG F 109 -24.45 24.02 -6.09
CA ARG F 109 -23.14 23.37 -6.14
C ARG F 109 -22.01 24.40 -6.12
N LEU F 110 -20.79 23.91 -5.91
CA LEU F 110 -19.61 24.77 -5.82
C LEU F 110 -19.28 25.44 -7.15
N LEU F 111 -18.79 26.68 -7.07
CA LEU F 111 -18.38 27.41 -8.25
C LEU F 111 -16.89 27.76 -8.15
N ARG F 112 -16.45 28.07 -6.95
CA ARG F 112 -15.06 28.46 -6.71
C ARG F 112 -14.73 28.40 -5.22
N GLY F 113 -13.60 27.79 -4.89
CA GLY F 113 -13.14 27.70 -3.51
C GLY F 113 -11.93 28.58 -3.26
N TYR F 114 -11.77 29.03 -2.02
CA TYR F 114 -10.68 29.94 -1.68
C TYR F 114 -9.90 29.48 -0.46
N GLU F 115 -8.59 29.75 -0.48
CA GLU F 115 -7.71 29.45 0.64
C GLU F 115 -6.44 30.27 0.49
N GLN F 116 -6.42 31.44 1.13
CA GLN F 116 -5.34 32.39 0.94
C GLN F 116 -4.62 32.74 2.24
N PHE F 117 -3.31 32.91 2.15
CA PHE F 117 -2.50 33.26 3.30
C PHE F 117 -1.69 34.54 3.03
N ALA F 118 -1.77 35.50 3.93
CA ALA F 118 -1.04 36.75 3.79
C ALA F 118 -0.24 37.05 5.06
N TYR F 119 0.96 37.60 4.88
CA TYR F 119 1.82 37.93 6.01
C TYR F 119 2.23 39.40 5.97
N ASP F 120 1.93 40.12 7.05
CA ASP F 120 2.22 41.54 7.17
C ASP F 120 1.61 42.40 6.06
N GLY F 121 0.44 41.99 5.59
CA GLY F 121 -0.29 42.76 4.60
C GLY F 121 0.09 42.44 3.16
N CYS F 122 1.10 41.60 2.99
CA CYS F 122 1.51 41.17 1.66
C CYS F 122 1.10 39.71 1.42
N ASP F 123 0.82 39.38 0.16
CA ASP F 123 0.48 38.01 -0.22
C ASP F 123 1.62 37.06 0.11
N TYR F 124 1.27 35.82 0.43
CA TYR F 124 2.27 34.81 0.74
C TYR F 124 2.05 33.56 -0.10
N ILE F 125 1.02 32.79 0.24
CA ILE F 125 0.66 31.62 -0.52
C ILE F 125 -0.86 31.53 -0.68
N ALA F 126 -1.32 31.06 -1.83
CA ALA F 126 -2.76 30.97 -2.10
C ALA F 126 -3.11 29.73 -2.90
N LEU F 127 -4.22 29.10 -2.54
CA LEU F 127 -4.73 27.94 -3.26
C LEU F 127 -5.28 28.36 -4.63
N ASN F 128 -4.91 27.61 -5.66
CA ASN F 128 -5.35 27.93 -7.01
C ASN F 128 -6.79 27.51 -7.28
N GLU F 129 -7.29 27.86 -8.46
CA GLU F 129 -8.66 27.56 -8.83
C GLU F 129 -8.90 26.07 -9.01
N ASP F 130 -7.82 25.34 -9.25
CA ASP F 130 -7.89 23.89 -9.41
C ASP F 130 -8.09 23.19 -8.08
N LEU F 131 -7.83 23.91 -6.99
CA LEU F 131 -7.88 23.38 -5.63
C LEU F 131 -6.88 22.24 -5.46
N ARG F 132 -5.77 22.33 -6.19
CA ARG F 132 -4.75 21.28 -6.18
C ARG F 132 -3.33 21.85 -6.15
N THR F 133 -3.14 23.00 -6.81
CA THR F 133 -1.83 23.63 -6.86
C THR F 133 -1.81 24.94 -6.07
N TRP F 134 -0.61 25.47 -5.83
CA TRP F 134 -0.45 26.67 -5.02
C TRP F 134 0.31 27.76 -5.76
N THR F 135 0.04 29.01 -5.39
CA THR F 135 0.76 30.16 -5.95
C THR F 135 1.51 30.90 -4.85
N ALA F 136 2.83 30.80 -4.85
CA ALA F 136 3.66 31.43 -3.83
C ALA F 136 4.11 32.82 -4.25
N ALA F 137 4.24 33.71 -3.27
CA ALA F 137 4.63 35.10 -3.55
C ALA F 137 6.13 35.28 -3.61
N ASP F 138 6.81 34.92 -2.52
CA ASP F 138 8.26 35.08 -2.45
C ASP F 138 9.01 33.75 -2.39
N MET F 139 10.28 33.81 -2.03
CA MET F 139 11.12 32.63 -1.92
C MET F 139 10.74 31.81 -0.68
N ALA F 140 10.40 32.50 0.40
CA ALA F 140 10.03 31.84 1.65
C ALA F 140 8.74 31.04 1.49
N ALA F 141 7.81 31.58 0.70
CA ALA F 141 6.55 30.91 0.43
C ALA F 141 6.74 29.75 -0.54
N GLN F 142 7.75 29.88 -1.40
CA GLN F 142 8.08 28.82 -2.34
C GLN F 142 8.59 27.61 -1.57
N ILE F 143 9.27 27.89 -0.45
CA ILE F 143 9.73 26.84 0.45
C ILE F 143 8.52 26.18 1.10
N THR F 144 7.49 26.97 1.38
CA THR F 144 6.25 26.46 1.96
C THR F 144 5.46 25.63 0.95
N ARG F 145 5.43 26.09 -0.30
CA ARG F 145 4.69 25.39 -1.35
C ARG F 145 5.25 23.99 -1.62
N ARG F 146 6.57 23.87 -1.53
CA ARG F 146 7.25 22.62 -1.83
C ARG F 146 6.80 21.49 -0.92
N LYS F 147 6.71 21.78 0.37
CA LYS F 147 6.29 20.78 1.36
C LYS F 147 4.77 20.58 1.34
N TRP F 148 4.05 21.55 0.79
CA TRP F 148 2.60 21.46 0.71
C TRP F 148 2.15 20.63 -0.49
N GLU F 149 2.94 20.67 -1.56
CA GLU F 149 2.69 19.82 -2.71
C GLU F 149 3.20 18.41 -2.44
N GLN F 150 4.15 18.31 -1.51
CA GLN F 150 4.74 17.03 -1.16
C GLN F 150 3.82 16.27 -0.21
N ALA F 151 3.07 17.01 0.60
CA ALA F 151 2.16 16.40 1.57
C ALA F 151 0.73 16.38 1.06
N GLY F 152 0.47 17.16 0.01
CA GLY F 152 -0.86 17.23 -0.57
C GLY F 152 -1.83 17.98 0.33
N ALA F 153 -1.38 19.11 0.84
CA ALA F 153 -2.19 19.93 1.74
C ALA F 153 -3.40 20.52 1.01
N ALA F 154 -3.30 20.62 -0.31
CA ALA F 154 -4.38 21.17 -1.12
C ALA F 154 -5.61 20.27 -1.10
N GLU F 155 -5.38 18.97 -0.90
CA GLU F 155 -6.47 18.00 -0.90
C GLU F 155 -7.21 18.01 0.44
N TYR F 156 -6.62 18.63 1.44
CA TYR F 156 -7.26 18.80 2.73
C TYR F 156 -8.39 19.80 2.62
N TYR F 157 -8.06 21.00 2.14
CA TYR F 157 -9.02 22.08 2.02
C TYR F 157 -10.07 21.78 0.94
N ARG F 158 -9.65 21.05 -0.09
CA ARG F 158 -10.53 20.75 -1.22
C ARG F 158 -11.76 19.97 -0.80
N ALA F 159 -11.60 19.11 0.20
CA ALA F 159 -12.72 18.36 0.74
C ALA F 159 -13.68 19.27 1.47
N TYR F 160 -13.14 20.31 2.11
CA TYR F 160 -13.95 21.28 2.81
C TYR F 160 -14.72 22.17 1.84
N LEU F 161 -14.00 22.73 0.87
CA LEU F 161 -14.59 23.65 -0.10
C LEU F 161 -15.67 22.99 -0.94
N GLU F 162 -15.41 21.75 -1.36
CA GLU F 162 -16.38 21.00 -2.16
C GLU F 162 -17.42 20.34 -1.26
N GLY F 163 -17.13 20.30 0.05
CA GLY F 163 -17.98 19.61 1.00
C GLY F 163 -18.88 20.51 1.83
N GLU F 164 -18.55 20.65 3.11
CA GLU F 164 -19.43 21.35 4.04
C GLU F 164 -19.47 22.86 3.82
N CYS F 165 -18.47 23.42 3.16
CA CYS F 165 -18.48 24.84 2.83
C CYS F 165 -19.70 25.15 1.97
N VAL F 166 -19.98 24.25 1.04
CA VAL F 166 -21.19 24.33 0.23
C VAL F 166 -22.41 24.05 1.11
N GLU F 167 -22.28 23.06 1.98
CA GLU F 167 -23.39 22.63 2.83
C GLU F 167 -23.73 23.63 3.92
N ALA F 168 -22.72 24.22 4.54
CA ALA F 168 -22.93 25.21 5.60
C ALA F 168 -23.56 26.47 5.03
N LEU F 169 -23.19 26.81 3.80
CA LEU F 169 -23.74 27.98 3.12
C LEU F 169 -25.23 27.77 2.86
N HIS F 170 -25.58 26.56 2.43
CA HIS F 170 -26.98 26.22 2.18
C HIS F 170 -27.77 26.23 3.48
N ARG F 171 -27.09 25.94 4.59
CA ARG F 171 -27.74 25.92 5.90
C ARG F 171 -28.06 27.32 6.40
N TYR F 172 -27.07 28.21 6.35
CA TYR F 172 -27.24 29.57 6.84
C TYR F 172 -28.24 30.36 6.00
N LEU F 173 -28.46 29.92 4.76
CA LEU F 173 -29.37 30.61 3.86
C LEU F 173 -30.84 30.36 4.20
N LYS F 174 -31.08 29.59 5.27
CA LYS F 174 -32.44 29.40 5.76
C LYS F 174 -32.93 30.68 6.42
N ASN F 175 -33.58 31.53 5.62
CA ASN F 175 -34.08 32.81 6.10
C ASN F 175 -35.51 33.08 5.66
N GLY F 194 -13.03 22.29 8.50
CA GLY F 194 -13.30 23.71 8.63
C GLY F 194 -12.05 24.52 8.90
N GLY F 195 -11.24 24.06 9.84
CA GLY F 195 -10.03 24.77 10.23
C GLY F 195 -8.81 24.35 9.42
N ALA F 196 -7.64 24.70 9.92
CA ALA F 196 -6.38 24.38 9.25
C ALA F 196 -5.83 23.03 9.73
N PRO F 197 -5.18 22.28 8.82
CA PRO F 197 -4.70 20.93 9.14
C PRO F 197 -3.56 20.96 10.16
N TRP F 198 -3.43 19.88 10.93
CA TRP F 198 -2.39 19.80 11.95
C TRP F 198 -1.27 18.83 11.58
N ASN F 199 -1.19 18.50 10.30
CA ASN F 199 -0.04 17.77 9.77
C ASN F 199 1.11 18.77 9.63
N PRO F 200 2.25 18.49 10.30
CA PRO F 200 3.41 19.37 10.32
C PRO F 200 3.86 19.80 8.93
N ALA F 201 3.80 18.88 7.98
CA ALA F 201 4.21 19.16 6.61
C ALA F 201 3.20 20.08 5.91
N MET F 202 1.98 20.10 6.44
CA MET F 202 0.92 20.94 5.87
C MET F 202 0.90 22.33 6.51
N MET F 203 1.89 22.61 7.33
CA MET F 203 2.02 23.93 7.95
C MET F 203 3.06 24.78 7.23
N ILE F 204 3.13 26.05 7.59
CA ILE F 204 4.07 26.98 6.96
C ILE F 204 5.52 26.63 7.30
#